data_7P3F
#
_entry.id   7P3F
#
_cell.length_a   1.00
_cell.length_b   1.00
_cell.length_c   1.00
_cell.angle_alpha   90.00
_cell.angle_beta   90.00
_cell.angle_gamma   90.00
#
_symmetry.space_group_name_H-M   'P 1'
#
loop_
_entity.id
_entity.type
_entity.pdbx_description
1 polymer 'Transcriptional repressor NrdR'
2 polymer 'DNA (50-MER)'
3 polymer 'DNA (50-MER)'
4 non-polymer "ADENOSINE-5'-TRIPHOSPHATE"
5 non-polymer "2'-DEOXYADENOSINE 5'-TRIPHOSPHATE"
6 non-polymer 'ZINC ION'
#
loop_
_entity_poly.entity_id
_entity_poly.type
_entity_poly.pdbx_seq_one_letter_code
_entity_poly.pdbx_strand_id
1 'polypeptide(L)'
;MHCPFCRHPDSRVVDSRTTDDGTSIRRRRQCPDCSRRFTTVETCSLMVVKRSGVTEPFSRTKVINGVRKACQGRPVTEDA
LAQLGQRVEEAVRATGSAELTTHDVGLAILGPLQELDLVAYLRFASVYRAFDSLEDFEAAIAELRETTGHPGEEDDTGAG
SQENDRGPTGAGQVPEPAGAADKLAAALEHHHHHH
;
A,C,B,D
2 'polydeoxyribonucleotide'
;(DG)(DC)(DC)(DA)(DA)(DT)(DC)(DC)(DC)(DC)(DA)(DC)(DA)(DT)(DC)(DT)(DA)(DG)(DT)(DG)
(DG)(DT)(DT)(DG)(DG)(DA)(DT)(DA)(DG)(DC)(DG)(DT)(DG)(DA)(DG)(DC)(DA)(DG)(DC)(DC)
(DC)(DA)(DC)(DA)(DA)(DG)(DT)(DT)(DG)(DT)(DG)(DG)(DT)(DC)(DC)(DC)(DC)
;
F
3 'polydeoxyribonucleotide'
;(DG)(DG)(DG)(DG)(DA)(DC)(DC)(DA)(DC)(DA)(DA)(DC)(DT)(DT)(DG)(DT)(DG)(DG)(DG)(DC)
(DT)(DG)(DC)(DT)(DC)(DA)(DC)(DG)(DC)(DT)(DA)(DT)(DC)(DC)(DA)(DA)(DC)(DC)(DA)(DC)
(DT)(DA)(DG)(DA)(DT)(DG)(DT)(DG)(DG)(DG)(DG)(DA)(DT)(DT)(DG)(DG)(DC)
;
R
#
loop_
_chem_comp.id
_chem_comp.type
_chem_comp.name
_chem_comp.formula
ATP non-polymer ADENOSINE-5'-TRIPHOSPHATE 'C10 H16 N5 O13 P3'
DA DNA linking 2'-DEOXYADENOSINE-5'-MONOPHOSPHATE 'C10 H14 N5 O6 P'
DC DNA linking 2'-DEOXYCYTIDINE-5'-MONOPHOSPHATE 'C9 H14 N3 O7 P'
DG DNA linking 2'-DEOXYGUANOSINE-5'-MONOPHOSPHATE 'C10 H14 N5 O7 P'
DT DNA linking THYMIDINE-5'-MONOPHOSPHATE 'C10 H15 N2 O8 P'
DTP non-polymer '2'-DEOXYADENOSINE 5'-TRIPHOSPHATE' 'C10 H16 N5 O12 P3'
ZN non-polymer 'ZINC ION' 'Zn 2'
#
# COMPACT_ATOMS: atom_id res chain seq x y z
N MET A 1 22.89 -23.98 -27.45
CA MET A 1 22.75 -22.83 -26.56
C MET A 1 23.77 -21.76 -26.91
N HIS A 2 23.34 -20.80 -27.74
CA HIS A 2 24.23 -19.71 -28.14
C HIS A 2 24.55 -18.84 -26.94
N CYS A 3 25.81 -18.44 -26.82
CA CYS A 3 26.19 -17.54 -25.74
C CYS A 3 25.53 -16.19 -25.96
N PRO A 4 24.79 -15.66 -24.99
CA PRO A 4 24.12 -14.37 -25.19
C PRO A 4 25.08 -13.21 -25.40
N PHE A 5 26.32 -13.33 -24.94
CA PHE A 5 27.26 -12.21 -25.03
C PHE A 5 27.94 -12.16 -26.39
N CYS A 6 28.68 -13.21 -26.74
CA CYS A 6 29.48 -13.23 -27.95
C CYS A 6 28.82 -13.97 -29.11
N ARG A 7 27.58 -14.45 -28.93
CA ARG A 7 26.85 -15.17 -29.97
C ARG A 7 27.65 -16.38 -30.47
N HIS A 8 28.29 -17.08 -29.54
CA HIS A 8 29.02 -18.28 -29.89
C HIS A 8 28.05 -19.39 -30.30
N PRO A 9 28.45 -20.24 -31.25
CA PRO A 9 27.52 -21.30 -31.71
C PRO A 9 27.07 -22.23 -30.61
N ASP A 10 27.93 -22.58 -29.65
CA ASP A 10 27.59 -23.56 -28.64
C ASP A 10 28.25 -23.19 -27.31
N SER A 11 27.70 -23.79 -26.23
CA SER A 11 28.17 -23.53 -24.85
C SER A 11 28.12 -24.81 -24.01
N ARG A 12 28.57 -24.76 -22.76
CA ARG A 12 28.69 -26.00 -21.96
C ARG A 12 28.14 -25.84 -20.56
N VAL A 13 27.60 -26.88 -19.90
CA VAL A 13 26.94 -26.69 -18.58
C VAL A 13 27.88 -27.06 -17.45
N VAL A 14 28.35 -26.07 -16.70
CA VAL A 14 29.17 -26.35 -15.48
C VAL A 14 28.36 -27.03 -14.36
N ASP A 15 27.17 -26.53 -13.99
CA ASP A 15 26.43 -27.08 -12.82
C ASP A 15 24.92 -27.06 -12.97
N SER A 16 24.24 -28.19 -12.69
CA SER A 16 22.75 -28.31 -12.82
C SER A 16 22.06 -28.78 -11.54
N ARG A 17 20.99 -28.12 -11.13
CA ARG A 17 20.22 -28.49 -9.91
C ARG A 17 18.73 -28.34 -10.16
N THR A 18 17.91 -29.25 -9.63
CA THR A 18 16.44 -29.15 -9.79
C THR A 18 16.02 -28.20 -8.68
N THR A 19 16.08 -26.91 -8.95
CA THR A 19 15.88 -25.93 -7.85
C THR A 19 14.45 -25.72 -7.34
N ASP A 20 13.43 -25.66 -8.18
CA ASP A 20 12.13 -25.24 -7.58
C ASP A 20 11.10 -26.35 -7.56
N ASP A 21 10.65 -26.74 -6.36
CA ASP A 21 9.61 -27.80 -6.27
C ASP A 21 10.23 -28.90 -7.13
N GLY A 22 9.47 -29.46 -8.08
CA GLY A 22 10.09 -30.31 -9.11
C GLY A 22 9.87 -29.59 -10.41
N THR A 23 9.29 -28.42 -10.36
CA THR A 23 8.87 -27.69 -11.58
C THR A 23 10.03 -27.24 -12.48
N SER A 24 11.15 -26.78 -11.94
CA SER A 24 12.21 -26.21 -12.82
C SER A 24 13.60 -26.74 -12.52
N ILE A 25 14.47 -26.80 -13.55
CA ILE A 25 15.89 -27.18 -13.36
C ILE A 25 16.72 -25.97 -13.78
N ARG A 26 17.66 -25.54 -12.94
CA ARG A 26 18.43 -24.31 -13.18
C ARG A 26 19.87 -24.67 -13.45
N ARG A 27 20.39 -24.18 -14.56
CA ARG A 27 21.74 -24.61 -14.96
C ARG A 27 22.67 -23.42 -15.04
N ARG A 28 23.94 -23.66 -14.82
CA ARG A 28 24.99 -22.64 -14.96
C ARG A 28 25.81 -23.08 -16.13
N ARG A 29 25.67 -22.40 -17.24
CA ARG A 29 26.35 -22.77 -18.47
C ARG A 29 27.42 -21.73 -18.76
N GLN A 30 28.66 -22.14 -19.06
CA GLN A 30 29.77 -21.23 -19.41
C GLN A 30 30.09 -21.34 -20.89
N CYS A 31 30.64 -20.29 -21.50
CA CYS A 31 31.02 -20.26 -22.91
C CYS A 31 32.53 -20.48 -23.03
N PRO A 32 32.98 -21.53 -23.71
CA PRO A 32 34.44 -21.76 -23.81
C PRO A 32 35.18 -20.63 -24.49
N ASP A 33 34.57 -19.95 -25.45
CA ASP A 33 35.27 -18.93 -26.23
C ASP A 33 35.57 -17.71 -25.36
N CYS A 34 34.56 -17.20 -24.64
CA CYS A 34 34.72 -15.96 -23.88
C CYS A 34 34.85 -16.18 -22.38
N SER A 35 34.71 -17.43 -21.91
CA SER A 35 34.89 -17.76 -20.49
C SER A 35 33.95 -16.94 -19.60
N ARG A 36 32.79 -16.53 -20.11
CA ARG A 36 31.78 -15.81 -19.25
C ARG A 36 30.70 -16.83 -18.88
N ARG A 37 30.15 -16.79 -17.67
CA ARG A 37 29.21 -17.88 -17.28
C ARG A 37 27.79 -17.36 -17.03
N PHE A 38 26.78 -17.90 -17.72
CA PHE A 38 25.37 -17.44 -17.58
C PHE A 38 24.50 -18.48 -16.91
N THR A 39 23.44 -18.05 -16.23
CA THR A 39 22.49 -18.96 -15.61
C THR A 39 21.24 -19.09 -16.48
N THR A 40 20.59 -20.23 -16.37
CA THR A 40 19.42 -20.52 -17.19
C THR A 40 18.45 -21.38 -16.38
N VAL A 41 17.16 -21.23 -16.70
CA VAL A 41 16.10 -21.95 -16.01
C VAL A 41 15.22 -22.65 -17.04
N GLU A 42 14.96 -23.94 -16.83
CA GLU A 42 14.07 -24.73 -17.65
C GLU A 42 12.84 -25.10 -16.85
N THR A 43 11.66 -24.95 -17.47
CA THR A 43 10.41 -25.24 -16.78
C THR A 43 9.31 -25.41 -17.81
N CYS A 44 8.21 -26.01 -17.38
CA CYS A 44 7.06 -26.17 -18.22
C CYS A 44 6.31 -24.85 -18.38
N SER A 45 5.62 -24.69 -19.50
CA SER A 45 4.91 -23.46 -19.81
C SER A 45 3.67 -23.34 -18.91
N LEU A 46 3.57 -22.23 -18.19
CA LEU A 46 2.40 -21.96 -17.37
C LEU A 46 2.29 -20.46 -17.19
N MET A 47 1.33 -19.84 -17.88
CA MET A 47 1.19 -18.39 -17.90
C MET A 47 -0.28 -18.03 -17.69
N VAL A 48 -0.55 -17.37 -16.57
CA VAL A 48 -1.91 -16.94 -16.25
C VAL A 48 -2.21 -15.65 -17.00
N VAL A 49 -3.33 -15.64 -17.72
CA VAL A 49 -3.75 -14.38 -18.38
C VAL A 49 -4.64 -13.63 -17.38
N LYS A 50 -4.22 -12.45 -16.93
CA LYS A 50 -4.99 -11.73 -15.87
C LYS A 50 -6.30 -11.16 -16.41
N ARG A 51 -7.07 -10.47 -15.55
CA ARG A 51 -8.39 -9.93 -15.96
C ARG A 51 -8.19 -8.91 -17.09
N SER A 52 -7.16 -8.08 -17.00
CA SER A 52 -6.84 -7.09 -18.06
C SER A 52 -6.49 -7.80 -19.37
N GLY A 53 -5.73 -8.90 -19.29
CA GLY A 53 -5.24 -9.60 -20.51
C GLY A 53 -3.73 -9.68 -20.42
N VAL A 54 -3.14 -9.14 -19.35
CA VAL A 54 -1.66 -9.13 -19.22
C VAL A 54 -1.18 -10.54 -18.86
N THR A 55 -0.36 -11.13 -19.71
CA THR A 55 0.12 -12.53 -19.49
C THR A 55 1.17 -12.53 -18.36
N GLU A 56 0.80 -13.04 -17.17
CA GLU A 56 1.73 -13.06 -16.01
C GLU A 56 1.98 -14.51 -15.55
N PRO A 57 3.26 -14.93 -15.34
CA PRO A 57 3.57 -16.30 -14.86
C PRO A 57 2.80 -16.76 -13.60
N PHE A 58 2.64 -18.08 -13.44
CA PHE A 58 1.87 -18.62 -12.29
C PHE A 58 2.74 -18.63 -11.03
N SER A 59 2.15 -18.24 -9.89
CA SER A 59 2.87 -18.25 -8.61
C SER A 59 1.94 -18.71 -7.52
N ARG A 60 2.40 -19.63 -6.68
CA ARG A 60 1.59 -20.10 -5.56
C ARG A 60 1.45 -19.05 -4.48
N THR A 61 2.43 -18.13 -4.37
CA THR A 61 2.36 -17.12 -3.32
C THR A 61 1.19 -16.16 -3.54
N LYS A 62 0.65 -16.09 -4.76
CA LYS A 62 -0.49 -15.24 -5.03
C LYS A 62 -1.82 -15.98 -4.97
N VAL A 63 -1.80 -17.31 -5.00
CA VAL A 63 -3.03 -18.08 -4.86
C VAL A 63 -3.27 -18.47 -3.41
N ILE A 64 -2.26 -18.42 -2.57
CA ILE A 64 -2.42 -18.63 -1.13
C ILE A 64 -2.79 -17.33 -0.43
N ASN A 65 -2.16 -16.21 -0.80
CA ASN A 65 -2.47 -14.94 -0.17
C ASN A 65 -3.93 -14.56 -0.34
N GLY A 66 -4.54 -14.94 -1.45
CA GLY A 66 -5.95 -14.71 -1.62
C GLY A 66 -6.84 -15.63 -0.83
N VAL A 67 -6.28 -16.70 -0.26
CA VAL A 67 -7.02 -17.61 0.60
C VAL A 67 -6.76 -17.32 2.06
N ARG A 68 -5.53 -16.93 2.40
CA ARG A 68 -5.22 -16.58 3.79
C ARG A 68 -6.10 -15.44 4.27
N LYS A 69 -6.37 -14.46 3.40
CA LYS A 69 -7.26 -13.36 3.77
C LYS A 69 -8.67 -13.87 4.05
N ALA A 70 -9.16 -14.78 3.21
CA ALA A 70 -10.53 -15.25 3.38
C ALA A 70 -10.70 -16.01 4.69
N CYS A 71 -9.76 -16.90 5.03
CA CYS A 71 -9.85 -17.66 6.26
C CYS A 71 -9.18 -16.87 7.39
N GLN A 72 -9.86 -15.78 7.76
CA GLN A 72 -9.36 -14.88 8.80
C GLN A 72 -9.90 -15.33 10.16
N GLY A 73 -8.99 -15.73 11.04
CA GLY A 73 -9.34 -16.15 12.38
C GLY A 73 -9.76 -17.59 12.51
N ARG A 74 -10.03 -18.26 11.40
CA ARG A 74 -10.45 -19.65 11.42
C ARG A 74 -9.26 -20.57 11.70
N PRO A 75 -9.50 -21.73 12.31
CA PRO A 75 -8.39 -22.66 12.59
C PRO A 75 -7.88 -23.36 11.34
N VAL A 76 -7.33 -22.58 10.42
CA VAL A 76 -6.69 -23.11 9.21
C VAL A 76 -5.23 -22.70 9.28
N THR A 77 -4.39 -23.61 9.79
CA THR A 77 -2.99 -23.30 10.01
C THR A 77 -2.27 -23.13 8.68
N GLU A 78 -0.98 -22.79 8.75
CA GLU A 78 -0.21 -22.55 7.54
C GLU A 78 0.03 -23.84 6.76
N ASP A 79 0.08 -24.98 7.45
CA ASP A 79 0.27 -26.26 6.75
C ASP A 79 -0.90 -26.55 5.82
N ALA A 80 -2.13 -26.31 6.28
CA ALA A 80 -3.28 -26.52 5.43
C ALA A 80 -3.26 -25.58 4.22
N LEU A 81 -2.82 -24.34 4.43
CA LEU A 81 -2.75 -23.38 3.32
C LEU A 81 -1.72 -23.83 2.29
N ALA A 82 -0.55 -24.29 2.75
CA ALA A 82 0.45 -24.80 1.81
C ALA A 82 -0.06 -26.03 1.08
N GLN A 83 -0.77 -26.91 1.79
CA GLN A 83 -1.32 -28.10 1.14
C GLN A 83 -2.33 -27.73 0.07
N LEU A 84 -3.19 -26.75 0.34
CA LEU A 84 -4.17 -26.33 -0.65
C LEU A 84 -3.48 -25.66 -1.84
N GLY A 85 -2.42 -24.90 -1.58
CA GLY A 85 -1.66 -24.34 -2.69
C GLY A 85 -1.04 -25.40 -3.58
N GLN A 86 -0.45 -26.41 -2.95
CA GLN A 86 0.07 -27.55 -3.70
C GLN A 86 -1.02 -28.19 -4.54
N ARG A 87 -2.19 -28.45 -3.92
CA ARG A 87 -3.25 -29.15 -4.62
C ARG A 87 -3.75 -28.35 -5.81
N VAL A 88 -3.93 -27.05 -5.66
CA VAL A 88 -4.44 -26.24 -6.76
C VAL A 88 -3.41 -26.10 -7.87
N GLU A 89 -2.13 -25.96 -7.51
CA GLU A 89 -1.09 -25.91 -8.53
C GLU A 89 -1.03 -27.21 -9.32
N GLU A 90 -1.12 -28.34 -8.62
CA GLU A 90 -1.12 -29.64 -9.31
C GLU A 90 -2.34 -29.79 -10.19
N ALA A 91 -3.51 -29.36 -9.71
CA ALA A 91 -4.73 -29.49 -10.49
C ALA A 91 -4.67 -28.65 -11.77
N VAL A 92 -4.07 -27.46 -11.68
CA VAL A 92 -3.99 -26.62 -12.88
C VAL A 92 -2.87 -27.04 -13.81
N ARG A 93 -1.82 -27.70 -13.30
CA ARG A 93 -0.81 -28.23 -14.21
C ARG A 93 -1.30 -29.49 -14.91
N ALA A 94 -2.10 -30.31 -14.21
CA ALA A 94 -2.48 -31.60 -14.76
C ALA A 94 -3.36 -31.46 -16.00
N THR A 95 -4.08 -30.35 -16.13
CA THR A 95 -4.89 -30.15 -17.33
C THR A 95 -4.04 -29.92 -18.57
N GLY A 96 -2.74 -29.67 -18.40
CA GLY A 96 -1.83 -29.57 -19.54
C GLY A 96 -2.08 -28.41 -20.47
N SER A 97 -2.35 -27.23 -19.93
CA SER A 97 -2.57 -26.02 -20.73
C SER A 97 -1.47 -25.01 -20.41
N ALA A 98 -0.99 -24.34 -21.44
CA ALA A 98 0.06 -23.34 -21.29
C ALA A 98 -0.47 -21.93 -21.11
N GLU A 99 -1.78 -21.73 -21.19
CA GLU A 99 -2.39 -20.41 -21.03
C GLU A 99 -3.69 -20.57 -20.27
N LEU A 100 -3.64 -20.33 -18.97
CA LEU A 100 -4.76 -20.56 -18.06
C LEU A 100 -5.28 -19.22 -17.58
N THR A 101 -6.48 -18.84 -18.02
CA THR A 101 -7.04 -17.57 -17.60
C THR A 101 -7.27 -17.55 -16.09
N THR A 102 -7.10 -16.38 -15.49
CA THR A 102 -7.23 -16.26 -14.05
C THR A 102 -8.66 -16.46 -13.57
N HIS A 103 -9.64 -16.32 -14.47
CA HIS A 103 -11.01 -16.64 -14.14
C HIS A 103 -11.19 -18.13 -13.86
N ASP A 104 -10.32 -18.97 -14.40
CA ASP A 104 -10.34 -20.41 -14.16
C ASP A 104 -9.36 -20.84 -13.08
N VAL A 105 -8.65 -19.91 -12.46
CA VAL A 105 -7.85 -20.27 -11.29
C VAL A 105 -8.68 -20.15 -10.02
N GLY A 106 -9.70 -19.30 -10.00
CA GLY A 106 -10.61 -19.28 -8.88
C GLY A 106 -11.42 -20.54 -8.76
N LEU A 107 -11.96 -21.04 -9.88
CA LEU A 107 -12.71 -22.29 -9.87
C LEU A 107 -11.87 -23.45 -9.38
N ALA A 108 -10.57 -23.40 -9.61
CA ALA A 108 -9.67 -24.41 -9.07
C ALA A 108 -9.46 -24.27 -7.57
N ILE A 109 -9.91 -23.17 -6.97
CA ILE A 109 -9.83 -22.98 -5.53
C ILE A 109 -11.14 -23.30 -4.84
N LEU A 110 -12.27 -22.99 -5.50
CA LEU A 110 -13.56 -23.26 -4.90
C LEU A 110 -13.79 -24.76 -4.66
N GLY A 111 -13.04 -25.62 -5.34
CA GLY A 111 -13.14 -27.04 -5.10
C GLY A 111 -12.66 -27.42 -3.72
N PRO A 112 -11.34 -27.32 -3.48
CA PRO A 112 -10.81 -27.69 -2.17
C PRO A 112 -11.26 -26.79 -1.04
N LEU A 113 -11.75 -25.58 -1.33
CA LEU A 113 -12.09 -24.64 -0.27
C LEU A 113 -13.22 -25.17 0.60
N GLN A 114 -14.22 -25.81 -0.01
CA GLN A 114 -15.34 -26.34 0.77
C GLN A 114 -14.85 -27.36 1.79
N GLU A 115 -13.93 -28.23 1.39
CA GLU A 115 -13.36 -29.18 2.35
C GLU A 115 -12.52 -28.46 3.40
N LEU A 116 -11.74 -27.46 2.99
CA LEU A 116 -10.83 -26.81 3.94
C LEU A 116 -11.60 -26.12 5.05
N ASP A 117 -12.54 -25.25 4.70
CA ASP A 117 -13.35 -24.56 5.69
C ASP A 117 -14.56 -23.96 5.00
N LEU A 118 -15.70 -24.02 5.67
CA LEU A 118 -16.97 -23.78 5.00
C LEU A 118 -17.43 -22.32 5.06
N VAL A 119 -16.94 -21.54 6.03
CA VAL A 119 -17.26 -20.11 6.06
C VAL A 119 -16.25 -19.32 5.24
N ALA A 120 -14.98 -19.75 5.26
CA ALA A 120 -13.98 -19.13 4.41
C ALA A 120 -14.35 -19.27 2.94
N TYR A 121 -15.04 -20.36 2.59
CA TYR A 121 -15.49 -20.55 1.19
C TYR A 121 -16.39 -19.37 0.79
N LEU A 122 -17.42 -19.08 1.59
CA LEU A 122 -18.37 -17.97 1.28
C LEU A 122 -17.62 -16.63 1.25
N ARG A 123 -16.70 -16.42 2.19
CA ARG A 123 -15.95 -15.13 2.25
C ARG A 123 -15.10 -14.96 0.98
N PHE A 124 -14.46 -16.03 0.49
CA PHE A 124 -13.69 -15.94 -0.78
C PHE A 124 -14.64 -15.59 -1.93
N ALA A 125 -15.83 -16.22 -1.96
CA ALA A 125 -16.80 -15.99 -3.05
C ALA A 125 -17.27 -14.53 -3.06
N SER A 126 -17.51 -13.92 -1.90
CA SER A 126 -18.04 -12.54 -1.84
C SER A 126 -17.20 -11.57 -2.68
N VAL A 127 -15.86 -11.69 -2.64
CA VAL A 127 -14.98 -10.78 -3.43
C VAL A 127 -14.78 -11.37 -4.83
N TYR A 128 -14.57 -12.68 -4.94
CA TYR A 128 -14.30 -13.31 -6.27
C TYR A 128 -15.50 -13.15 -7.21
N ARG A 129 -16.73 -13.35 -6.72
CA ARG A 129 -17.95 -13.25 -7.58
C ARG A 129 -18.56 -11.84 -7.50
N ALA A 130 -17.99 -10.94 -6.68
CA ALA A 130 -18.54 -9.57 -6.50
C ALA A 130 -20.06 -9.63 -6.22
N PHE A 131 -20.45 -10.17 -5.05
CA PHE A 131 -21.89 -10.21 -4.69
C PHE A 131 -22.39 -8.80 -4.50
N ASP A 132 -23.23 -8.27 -5.39
CA ASP A 132 -23.81 -6.91 -5.34
C ASP A 132 -24.68 -6.76 -4.10
N SER A 133 -25.26 -7.84 -3.57
CA SER A 133 -26.20 -7.66 -2.47
C SER A 133 -26.32 -8.88 -1.58
N LEU A 134 -27.17 -8.76 -0.58
CA LEU A 134 -27.39 -9.83 0.41
C LEU A 134 -28.12 -11.01 -0.22
N GLU A 135 -28.92 -10.76 -1.25
CA GLU A 135 -29.74 -11.84 -1.87
C GLU A 135 -28.81 -12.90 -2.44
N ASP A 136 -27.69 -12.51 -3.02
CA ASP A 136 -26.71 -13.45 -3.63
C ASP A 136 -25.95 -14.12 -2.52
N PHE A 137 -25.87 -13.54 -1.36
CA PHE A 137 -25.19 -14.31 -0.31
C PHE A 137 -26.06 -15.51 -0.04
N GLU A 138 -27.37 -15.32 0.00
CA GLU A 138 -28.30 -16.44 0.28
C GLU A 138 -28.25 -17.52 -0.77
N ALA A 139 -28.23 -17.14 -2.03
CA ALA A 139 -28.32 -18.15 -3.07
C ALA A 139 -27.12 -19.05 -2.98
N ALA A 140 -25.94 -18.52 -2.77
CA ALA A 140 -24.70 -19.27 -2.67
C ALA A 140 -24.77 -20.18 -1.45
N ILE A 141 -25.39 -19.70 -0.38
CA ILE A 141 -25.63 -20.56 0.82
C ILE A 141 -26.52 -21.70 0.39
N ALA A 142 -27.57 -21.44 -0.42
CA ALA A 142 -28.49 -22.49 -0.93
C ALA A 142 -27.79 -23.52 -1.80
N GLU A 143 -27.07 -23.11 -2.84
CA GLU A 143 -26.43 -24.06 -3.77
C GLU A 143 -25.43 -24.92 -3.01
N LEU A 144 -24.71 -24.33 -2.09
CA LEU A 144 -23.76 -25.09 -1.26
C LEU A 144 -24.58 -26.10 -0.47
N ARG A 145 -25.76 -25.74 0.01
CA ARG A 145 -26.59 -26.64 0.88
C ARG A 145 -26.94 -27.89 0.10
N GLU A 146 -27.20 -27.75 -1.20
CA GLU A 146 -27.65 -28.90 -2.03
C GLU A 146 -26.55 -29.97 -1.98
N THR A 147 -25.27 -29.60 -2.01
CA THR A 147 -24.20 -30.63 -1.83
C THR A 147 -24.19 -31.09 -0.37
N MET B 1 -10.92 18.66 37.20
CA MET B 1 -10.70 17.47 36.37
C MET B 1 -11.45 16.28 36.95
N HIS B 2 -12.66 16.04 36.44
CA HIS B 2 -13.45 14.92 36.90
C HIS B 2 -12.79 13.61 36.50
N CYS B 3 -12.79 12.65 37.42
CA CYS B 3 -12.25 11.34 37.09
C CYS B 3 -13.14 10.67 36.04
N PRO B 4 -12.58 10.23 34.92
CA PRO B 4 -13.42 9.61 33.89
C PRO B 4 -14.09 8.32 34.34
N PHE B 5 -13.53 7.64 35.34
CA PHE B 5 -14.08 6.35 35.75
C PHE B 5 -15.24 6.51 36.72
N CYS B 6 -15.00 7.13 37.88
CA CYS B 6 -15.99 7.23 38.93
C CYS B 6 -16.69 8.58 38.97
N ARG B 7 -16.41 9.48 38.02
CA ARG B 7 -17.03 10.80 37.95
C ARG B 7 -16.83 11.56 39.27
N HIS B 8 -15.63 11.45 39.84
CA HIS B 8 -15.31 12.18 41.05
C HIS B 8 -15.22 13.68 40.75
N PRO B 9 -15.63 14.53 41.70
CA PRO B 9 -15.58 15.98 41.43
C PRO B 9 -14.20 16.51 41.09
N ASP B 10 -13.14 16.00 41.70
CA ASP B 10 -11.81 16.54 41.49
C ASP B 10 -10.77 15.43 41.55
N SER B 11 -9.58 15.74 40.98
CA SER B 11 -8.46 14.77 40.91
C SER B 11 -7.12 15.47 41.12
N ARG B 12 -6.01 14.74 41.14
CA ARG B 12 -4.71 15.36 41.50
C ARG B 12 -3.60 14.94 40.55
N VAL B 13 -2.58 15.77 40.30
CA VAL B 13 -1.55 15.42 39.27
C VAL B 13 -0.32 14.81 39.91
N VAL B 14 -0.10 13.53 39.73
CA VAL B 14 1.16 12.89 40.20
C VAL B 14 2.41 13.37 39.44
N ASP B 15 2.40 13.41 38.09
CA ASP B 15 3.64 13.74 37.33
C ASP B 15 3.39 14.51 36.03
N SER B 16 4.12 15.60 35.80
CA SER B 16 3.95 16.46 34.58
C SER B 16 5.25 16.66 33.80
N ARG B 17 5.21 16.49 32.47
CA ARG B 17 6.40 16.68 31.61
C ARG B 17 6.00 17.37 30.31
N THR B 18 6.84 18.27 29.80
CA THR B 18 6.54 18.96 28.51
C THR B 18 7.03 17.98 27.46
N THR B 19 6.18 17.03 27.10
CA THR B 19 6.66 15.92 26.23
C THR B 19 6.91 16.25 24.75
N ASP B 20 6.06 17.01 24.06
CA ASP B 20 6.30 17.06 22.59
C ASP B 20 6.77 18.43 22.11
N ASP B 21 7.97 18.49 21.52
CA ASP B 21 8.47 19.78 21.00
C ASP B 21 8.29 20.69 22.22
N GLY B 22 7.67 21.86 22.04
CA GLY B 22 7.21 22.62 23.21
C GLY B 22 5.71 22.67 23.11
N THR B 23 5.16 22.02 22.12
CA THR B 23 3.71 22.10 21.83
C THR B 23 2.80 21.55 22.92
N SER B 24 3.13 20.44 23.58
CA SER B 24 2.17 19.84 24.53
C SER B 24 2.79 19.46 25.87
N ILE B 25 1.98 19.50 26.95
CA ILE B 25 2.43 19.04 28.29
C ILE B 25 1.55 17.86 28.66
N ARG B 26 2.15 16.75 29.08
CA ARG B 26 1.41 15.50 29.34
C ARG B 26 1.46 15.21 30.82
N ARG B 27 0.30 15.00 31.41
CA ARG B 27 0.24 14.85 32.87
C ARG B 27 -0.32 13.51 33.24
N ARG B 28 0.07 13.00 34.39
CA ARG B 28 -0.45 11.75 34.95
C ARG B 28 -1.22 12.16 36.17
N ARG B 29 -2.53 12.12 36.10
CA ARG B 29 -3.37 12.57 37.20
C ARG B 29 -4.04 11.35 37.82
N GLN B 30 -4.02 11.19 39.13
CA GLN B 30 -4.67 10.08 39.85
C GLN B 30 -5.90 10.59 40.60
N CYS B 31 -6.88 9.75 40.84
CA CYS B 31 -8.10 10.09 41.58
C CYS B 31 -7.99 9.58 43.01
N PRO B 32 -8.06 10.46 44.02
CA PRO B 32 -7.93 9.98 45.41
C PRO B 32 -9.01 9.00 45.82
N ASP B 33 -10.23 9.14 45.29
CA ASP B 33 -11.33 8.29 45.72
C ASP B 33 -11.13 6.85 45.26
N CYS B 34 -10.82 6.65 43.99
CA CYS B 34 -10.73 5.31 43.42
C CYS B 34 -9.30 4.83 43.20
N SER B 35 -8.31 5.69 43.42
CA SER B 35 -6.89 5.33 43.29
C SER B 35 -6.56 4.78 41.90
N ARG B 36 -7.30 5.20 40.87
CA ARG B 36 -6.96 4.79 39.47
C ARG B 36 -6.24 5.96 38.80
N ARG B 37 -5.23 5.73 37.97
CA ARG B 37 -4.45 6.88 37.45
C ARG B 37 -4.59 7.05 35.94
N PHE B 38 -5.00 8.23 35.47
CA PHE B 38 -5.20 8.49 34.01
C PHE B 38 -4.18 9.46 33.45
N THR B 39 -3.87 9.36 32.16
CA THR B 39 -2.97 10.29 31.51
C THR B 39 -3.76 11.32 30.72
N THR B 40 -3.16 12.50 30.55
CA THR B 40 -3.84 13.60 29.89
C THR B 40 -2.80 14.43 29.13
N VAL B 41 -3.23 15.05 28.04
CA VAL B 41 -2.36 15.85 27.20
C VAL B 41 -3.00 17.22 26.99
N GLU B 42 -2.23 18.27 27.20
CA GLU B 42 -2.64 19.65 26.97
C GLU B 42 -1.84 20.22 25.80
N THR B 43 -2.54 20.90 24.89
CA THR B 43 -1.89 21.45 23.71
C THR B 43 -2.81 22.51 23.10
N CYS B 44 -2.22 23.34 22.25
CA CYS B 44 -2.97 24.36 21.55
C CYS B 44 -3.80 23.73 20.43
N SER B 45 -4.89 24.37 20.08
CA SER B 45 -5.80 23.85 19.07
C SER B 45 -5.18 24.00 17.69
N LEU B 46 -5.07 22.90 16.95
CA LEU B 46 -4.56 22.92 15.59
C LEU B 46 -5.14 21.71 14.85
N MET B 47 -6.10 21.95 13.97
CA MET B 47 -6.83 20.89 13.28
C MET B 47 -6.91 21.22 11.81
N VAL B 48 -6.28 20.40 10.98
CA VAL B 48 -6.30 20.58 9.54
C VAL B 48 -7.59 19.99 8.99
N VAL B 49 -8.32 20.81 8.22
CA VAL B 49 -9.53 20.26 7.54
C VAL B 49 -9.07 19.72 6.18
N LYS B 50 -9.20 18.41 5.97
CA LYS B 50 -8.68 17.79 4.71
C LYS B 50 -9.53 18.19 3.49
N ARG B 51 -9.15 17.67 2.31
CA ARG B 51 -9.87 18.03 1.05
C ARG B 51 -11.33 17.57 1.16
N SER B 52 -11.57 16.38 1.70
CA SER B 52 -12.95 15.86 1.91
C SER B 52 -13.73 16.77 2.87
N GLY B 53 -13.08 17.25 3.93
CA GLY B 53 -13.76 18.03 4.98
C GLY B 53 -13.55 17.35 6.32
N VAL B 54 -12.82 16.23 6.31
CA VAL B 54 -12.60 15.44 7.57
C VAL B 54 -11.58 16.20 8.43
N THR B 55 -11.98 16.60 9.64
CA THR B 55 -11.08 17.39 10.52
C THR B 55 -10.02 16.45 11.12
N GLU B 56 -8.76 16.57 10.66
CA GLU B 56 -7.66 15.69 11.14
C GLU B 56 -6.56 16.54 11.80
N PRO B 57 -6.07 16.19 13.01
CA PRO B 57 -4.98 16.92 13.68
C PRO B 57 -3.72 17.16 12.84
N PHE B 58 -2.97 18.22 13.16
CA PHE B 58 -1.75 18.57 12.37
C PHE B 58 -0.58 17.67 12.77
N SER B 59 0.19 17.20 11.78
CA SER B 59 1.36 16.37 12.06
C SER B 59 2.48 16.75 11.10
N ARG B 60 3.69 16.93 11.64
CA ARG B 60 4.83 17.26 10.77
C ARG B 60 5.27 16.07 9.95
N THR B 61 5.01 14.84 10.41
CA THR B 61 5.42 13.68 9.65
C THR B 61 4.69 13.56 8.32
N LYS B 62 3.55 14.23 8.17
CA LYS B 62 2.83 14.21 6.91
C LYS B 62 3.13 15.41 6.02
N VAL B 63 3.74 16.46 6.57
CA VAL B 63 4.14 17.60 5.75
C VAL B 63 5.58 17.45 5.27
N ILE B 64 6.36 16.60 5.91
CA ILE B 64 7.71 16.28 5.43
C ILE B 64 7.69 15.17 4.39
N ASN B 65 6.88 14.13 4.62
CA ASN B 65 6.80 13.02 3.68
C ASN B 65 6.36 13.50 2.30
N GLY B 66 5.52 14.52 2.23
CA GLY B 66 5.16 15.06 0.94
C GLY B 66 6.22 15.92 0.31
N VAL B 67 7.27 16.27 1.05
CA VAL B 67 8.40 17.01 0.51
C VAL B 67 9.57 16.09 0.21
N ARG B 68 9.78 15.06 1.04
CA ARG B 68 10.84 14.10 0.77
C ARG B 68 10.65 13.43 -0.58
N LYS B 69 9.40 13.12 -0.94
CA LYS B 69 9.14 12.53 -2.25
C LYS B 69 9.52 13.50 -3.37
N ALA B 70 9.18 14.78 -3.21
CA ALA B 70 9.45 15.74 -4.28
C ALA B 70 10.96 15.91 -4.50
N CYS B 71 11.74 16.04 -3.43
CA CYS B 71 13.18 16.20 -3.56
C CYS B 71 13.84 14.82 -3.61
N GLN B 72 13.60 14.13 -4.73
CA GLN B 72 14.11 12.80 -4.95
C GLN B 72 15.47 12.87 -5.62
N GLY B 73 16.51 12.41 -4.93
CA GLY B 73 17.85 12.38 -5.46
C GLY B 73 18.61 13.68 -5.30
N ARG B 74 17.95 14.77 -4.96
CA ARG B 74 18.60 16.05 -4.79
C ARG B 74 19.37 16.09 -3.47
N PRO B 75 20.45 16.90 -3.40
CA PRO B 75 21.22 16.99 -2.16
C PRO B 75 20.49 17.77 -1.08
N VAL B 76 19.34 17.26 -0.62
CA VAL B 76 18.60 17.84 0.47
C VAL B 76 18.58 16.80 1.58
N THR B 77 19.51 16.91 2.52
CA THR B 77 19.66 15.91 3.57
C THR B 77 18.46 15.96 4.51
N GLU B 78 18.46 15.05 5.49
CA GLU B 78 17.34 14.97 6.42
C GLU B 78 17.29 16.17 7.34
N ASP B 79 18.44 16.78 7.64
CA ASP B 79 18.45 17.96 8.50
C ASP B 79 17.69 19.11 7.86
N ALA B 80 17.89 19.32 6.56
CA ALA B 80 17.15 20.38 5.87
C ALA B 80 15.65 20.09 5.88
N LEU B 81 15.28 18.82 5.70
CA LEU B 81 13.86 18.46 5.72
C LEU B 81 13.23 18.73 7.09
N ALA B 82 13.94 18.36 8.16
CA ALA B 82 13.45 18.64 9.50
C ALA B 82 13.35 20.14 9.75
N GLN B 83 14.34 20.90 9.26
CA GLN B 83 14.30 22.35 9.43
C GLN B 83 13.09 22.95 8.71
N LEU B 84 12.81 22.48 7.49
CA LEU B 84 11.67 23.01 6.75
C LEU B 84 10.36 22.62 7.44
N GLY B 85 10.30 21.41 8.00
CA GLY B 85 9.11 21.03 8.76
C GLY B 85 8.90 21.92 9.97
N GLN B 86 9.97 22.19 10.71
CA GLN B 86 9.89 23.14 11.82
C GLN B 86 9.39 24.49 11.34
N ARG B 87 9.96 25.00 10.25
CA ARG B 87 9.61 26.34 9.79
C ARG B 87 8.14 26.41 9.38
N VAL B 88 7.64 25.40 8.68
CA VAL B 88 6.25 25.45 8.22
C VAL B 88 5.30 25.27 9.40
N GLU B 89 5.64 24.40 10.36
CA GLU B 89 4.79 24.27 11.54
C GLU B 89 4.73 25.58 12.32
N GLU B 90 5.86 26.24 12.50
CA GLU B 90 5.89 27.52 13.19
C GLU B 90 5.09 28.57 12.42
N ALA B 91 5.23 28.60 11.10
CA ALA B 91 4.51 29.58 10.31
C ALA B 91 3.00 29.39 10.39
N VAL B 92 2.55 28.14 10.43
CA VAL B 92 1.11 27.90 10.52
C VAL B 92 0.57 28.05 11.93
N ARG B 93 1.41 27.88 12.95
CA ARG B 93 0.95 28.16 14.31
C ARG B 93 0.89 29.66 14.58
N ALA B 94 1.83 30.43 14.00
CA ALA B 94 1.95 31.84 14.31
C ALA B 94 0.73 32.63 13.86
N THR B 95 0.02 32.15 12.82
CA THR B 95 -1.18 32.84 12.38
C THR B 95 -2.31 32.74 13.39
N GLY B 96 -2.20 31.86 14.37
CA GLY B 96 -3.16 31.77 15.45
C GLY B 96 -4.55 31.34 15.05
N SER B 97 -4.66 30.33 14.19
CA SER B 97 -5.94 29.80 13.78
C SER B 97 -6.07 28.36 14.26
N ALA B 98 -7.26 27.99 14.71
CA ALA B 98 -7.53 26.64 15.20
C ALA B 98 -8.08 25.71 14.13
N GLU B 99 -8.33 26.21 12.92
CA GLU B 99 -8.88 25.39 11.84
C GLU B 99 -8.22 25.86 10.53
N LEU B 100 -7.20 25.14 10.11
CA LEU B 100 -6.37 25.50 8.96
C LEU B 100 -6.63 24.50 7.85
N THR B 101 -7.28 24.95 6.78
CA THR B 101 -7.57 24.04 5.67
C THR B 101 -6.27 23.56 5.04
N THR B 102 -6.30 22.32 4.56
CA THR B 102 -5.09 21.73 3.99
C THR B 102 -4.69 22.38 2.68
N HIS B 103 -5.61 23.09 2.02
CA HIS B 103 -5.26 23.87 0.85
C HIS B 103 -4.33 25.02 1.20
N ASP B 104 -4.34 25.48 2.44
CA ASP B 104 -3.44 26.53 2.91
C ASP B 104 -2.23 25.98 3.63
N VAL B 105 -2.06 24.66 3.70
CA VAL B 105 -0.81 24.12 4.21
C VAL B 105 0.19 23.93 3.08
N GLY B 106 -0.28 23.74 1.85
CA GLY B 106 0.63 23.71 0.72
C GLY B 106 1.28 25.05 0.47
N LEU B 107 0.49 26.12 0.52
CA LEU B 107 1.04 27.47 0.33
C LEU B 107 2.08 27.79 1.39
N ALA B 108 1.96 27.22 2.58
CA ALA B 108 2.97 27.38 3.60
C ALA B 108 4.23 26.59 3.30
N ILE B 109 4.20 25.71 2.30
CA ILE B 109 5.38 24.96 1.89
C ILE B 109 6.04 25.57 0.67
N LEU B 110 5.24 26.12 -0.25
CA LEU B 110 5.79 26.72 -1.45
C LEU B 110 6.69 27.91 -1.13
N GLY B 111 6.57 28.50 0.05
CA GLY B 111 7.44 29.58 0.44
C GLY B 111 8.87 29.11 0.62
N PRO B 112 9.12 28.32 1.66
CA PRO B 112 10.49 27.83 1.91
C PRO B 112 11.02 26.89 0.83
N LEU B 113 10.15 26.30 0.02
CA LEU B 113 10.61 25.30 -0.95
C LEU B 113 11.54 25.92 -1.98
N GLN B 114 11.24 27.14 -2.44
CA GLN B 114 12.09 27.80 -3.42
C GLN B 114 13.50 27.96 -2.89
N GLU B 115 13.64 28.37 -1.63
CA GLU B 115 14.97 28.47 -1.04
C GLU B 115 15.61 27.10 -0.88
N LEU B 116 14.83 26.09 -0.47
CA LEU B 116 15.43 24.79 -0.20
C LEU B 116 16.02 24.17 -1.46
N ASP B 117 15.22 24.08 -2.53
CA ASP B 117 15.70 23.53 -3.79
C ASP B 117 14.73 23.89 -4.88
N LEU B 118 15.25 24.23 -6.05
CA LEU B 118 14.46 24.91 -7.06
C LEU B 118 13.78 23.96 -8.04
N VAL B 119 14.30 22.73 -8.20
CA VAL B 119 13.62 21.74 -9.03
C VAL B 119 12.60 20.95 -8.23
N ALA B 120 12.92 20.68 -6.96
CA ALA B 120 11.94 20.05 -6.08
C ALA B 120 10.70 20.90 -5.93
N TYR B 121 10.86 22.23 -6.01
CA TYR B 121 9.69 23.14 -5.95
C TYR B 121 8.71 22.79 -7.06
N LEU B 122 9.20 22.73 -8.31
CA LEU B 122 8.33 22.45 -9.48
C LEU B 122 7.72 21.04 -9.35
N ARG B 123 8.51 20.07 -8.89
CA ARG B 123 8.01 18.67 -8.74
C ARG B 123 6.87 18.62 -7.71
N PHE B 124 7.00 19.36 -6.59
CA PHE B 124 5.90 19.40 -5.59
C PHE B 124 4.66 20.03 -6.23
N ALA B 125 4.84 21.10 -7.02
CA ALA B 125 3.71 21.80 -7.65
C ALA B 125 2.96 20.88 -8.62
N SER B 126 3.69 20.06 -9.39
CA SER B 126 3.04 19.21 -10.42
C SER B 126 1.90 18.36 -9.82
N VAL B 127 2.09 17.81 -8.60
CA VAL B 127 1.03 16.98 -7.96
C VAL B 127 0.09 17.89 -7.16
N TYR B 128 0.64 18.88 -6.44
CA TYR B 128 -0.21 19.76 -5.58
C TYR B 128 -1.20 20.57 -6.42
N ARG B 129 -0.76 21.12 -7.56
CA ARG B 129 -1.65 21.94 -8.42
C ARG B 129 -2.30 21.10 -9.52
N ALA B 130 -1.97 19.80 -9.61
CA ALA B 130 -2.50 18.91 -10.68
C ALA B 130 -2.34 19.57 -12.07
N PHE B 131 -1.09 19.74 -12.53
CA PHE B 131 -0.86 20.32 -13.87
C PHE B 131 -1.41 19.37 -14.92
N ASP B 132 -2.49 19.69 -15.61
CA ASP B 132 -3.14 18.88 -16.66
C ASP B 132 -2.19 18.70 -17.83
N SER B 133 -1.26 19.61 -18.06
CA SER B 133 -0.45 19.49 -19.29
C SER B 133 0.90 20.17 -19.18
N LEU B 134 1.67 20.09 -20.25
CA LEU B 134 3.02 20.67 -20.30
C LEU B 134 2.97 22.18 -20.30
N GLU B 135 1.90 22.77 -20.81
CA GLU B 135 1.80 24.24 -20.93
C GLU B 135 1.88 24.86 -19.54
N ASP B 136 1.26 24.24 -18.54
CA ASP B 136 1.25 24.75 -17.15
C ASP B 136 2.60 24.49 -16.53
N PHE B 137 3.35 23.54 -17.03
CA PHE B 137 4.68 23.43 -16.43
C PHE B 137 5.43 24.68 -16.80
N GLU B 138 5.27 25.14 -18.03
CA GLU B 138 5.98 26.35 -18.49
C GLU B 138 5.58 27.59 -17.72
N ALA B 139 4.29 27.77 -17.50
CA ALA B 139 3.86 29.01 -16.88
C ALA B 139 4.45 29.12 -15.51
N ALA B 140 4.47 28.05 -14.74
CA ALA B 140 5.02 28.01 -13.40
C ALA B 140 6.50 28.29 -13.46
N ILE B 141 7.17 27.80 -14.49
CA ILE B 141 8.62 28.12 -14.71
C ILE B 141 8.71 29.62 -14.92
N ALA B 142 7.82 30.22 -15.71
CA ALA B 142 7.79 31.69 -15.95
C ALA B 142 7.57 32.50 -14.69
N GLU B 143 6.52 32.24 -13.93
CA GLU B 143 6.20 33.05 -12.73
C GLU B 143 7.34 32.95 -11.74
N LEU B 144 7.93 31.79 -11.61
CA LEU B 144 9.09 31.61 -10.72
C LEU B 144 10.21 32.49 -11.25
N ARG B 145 10.36 32.58 -12.58
CA ARG B 145 11.49 33.35 -13.20
C ARG B 145 11.38 34.81 -12.80
N GLU B 146 10.15 35.34 -12.71
CA GLU B 146 9.94 36.76 -12.41
C GLU B 146 10.57 37.07 -11.06
N THR B 147 10.46 36.18 -10.07
CA THR B 147 11.19 36.41 -8.78
C THR B 147 12.69 36.21 -9.01
N MET C 1 5.56 25.10 27.95
CA MET C 1 4.86 25.16 26.64
C MET C 1 5.35 26.39 25.90
N HIS C 2 6.37 26.23 25.08
CA HIS C 2 6.92 27.32 24.28
C HIS C 2 5.81 28.12 23.62
N CYS C 3 5.95 29.44 23.65
CA CYS C 3 4.93 30.31 23.06
C CYS C 3 4.88 30.10 21.56
N PRO C 4 3.69 29.91 20.97
CA PRO C 4 3.61 29.73 19.51
C PRO C 4 4.13 30.92 18.72
N PHE C 5 3.96 32.14 19.23
CA PHE C 5 4.29 33.33 18.45
C PHE C 5 5.79 33.61 18.40
N CYS C 6 6.53 33.28 19.46
CA CYS C 6 7.95 33.60 19.49
C CYS C 6 8.84 32.48 19.99
N ARG C 7 8.29 31.32 20.35
CA ARG C 7 9.09 30.15 20.73
C ARG C 7 9.99 30.42 21.92
N HIS C 8 9.48 31.14 22.92
CA HIS C 8 10.23 31.38 24.14
C HIS C 8 9.83 30.37 25.20
N PRO C 9 10.75 29.65 25.88
CA PRO C 9 10.31 28.63 26.85
C PRO C 9 9.54 29.09 28.09
N ASP C 10 9.00 28.15 28.87
CA ASP C 10 8.32 28.46 30.16
C ASP C 10 7.30 29.60 30.07
N SER C 11 6.20 29.41 29.36
CA SER C 11 5.13 30.43 29.41
C SER C 11 4.47 30.33 30.77
N ARG C 12 3.69 31.35 31.15
CA ARG C 12 3.14 31.39 32.51
C ARG C 12 1.63 31.34 32.45
N VAL C 13 1.03 30.51 33.29
CA VAL C 13 -0.45 30.36 33.25
C VAL C 13 -1.10 31.66 33.72
N VAL C 14 -2.25 32.00 33.18
CA VAL C 14 -2.97 33.21 33.66
C VAL C 14 -4.26 32.70 34.33
N ASP C 15 -5.16 32.07 33.57
CA ASP C 15 -6.42 31.49 34.12
C ASP C 15 -6.35 29.97 34.08
N SER C 16 -7.01 29.24 34.97
CA SER C 16 -7.10 27.77 34.90
C SER C 16 -8.53 27.33 35.15
N ARG C 17 -9.45 27.70 34.28
CA ARG C 17 -10.89 27.43 34.52
C ARG C 17 -11.32 26.04 34.08
N THR C 18 -11.47 25.12 35.02
CA THR C 18 -11.99 23.79 34.69
C THR C 18 -13.42 23.94 34.18
N THR C 19 -13.78 23.21 33.14
CA THR C 19 -15.17 23.21 32.65
C THR C 19 -15.80 21.95 33.22
N ASP C 20 -17.11 21.94 33.50
CA ASP C 20 -17.71 20.72 34.11
C ASP C 20 -18.15 19.70 33.08
N ASP C 21 -19.09 20.06 32.21
CA ASP C 21 -19.70 19.13 31.28
C ASP C 21 -18.66 18.34 30.50
N GLY C 22 -17.52 18.96 30.18
CA GLY C 22 -16.55 18.25 29.30
C GLY C 22 -15.35 17.59 29.96
N THR C 23 -15.07 17.80 31.25
CA THR C 23 -13.86 17.29 31.95
C THR C 23 -12.59 17.90 31.32
N SER C 24 -12.67 19.10 30.74
CA SER C 24 -11.54 19.75 30.05
C SER C 24 -11.15 21.10 30.67
N ILE C 25 -10.05 21.16 31.41
CA ILE C 25 -9.58 22.43 32.00
C ILE C 25 -9.19 23.35 30.84
N ARG C 26 -9.51 24.64 30.87
CA ARG C 26 -9.12 25.62 29.83
C ARG C 26 -8.21 26.67 30.47
N ARG C 27 -6.92 26.62 30.20
CA ARG C 27 -5.98 27.51 30.86
C ARG C 27 -5.53 28.51 29.83
N ARG C 28 -5.60 29.80 30.11
CA ARG C 28 -5.04 30.81 29.18
C ARG C 28 -3.65 31.09 29.68
N ARG C 29 -2.69 31.10 28.79
CA ARG C 29 -1.28 31.23 29.22
C ARG C 29 -0.74 32.48 28.52
N GLN C 30 0.31 33.12 29.05
CA GLN C 30 0.82 34.38 28.44
C GLN C 30 2.33 34.33 28.45
N CYS C 31 2.99 34.90 27.44
CA CYS C 31 4.47 34.72 27.33
C CYS C 31 5.16 35.86 28.04
N PRO C 32 6.32 35.63 28.69
CA PRO C 32 7.09 36.73 29.31
C PRO C 32 7.73 37.66 28.30
N ASP C 33 8.16 37.16 27.14
CA ASP C 33 8.90 37.97 26.19
C ASP C 33 7.98 38.81 25.32
N CYS C 34 7.13 38.16 24.53
CA CYS C 34 6.30 38.88 23.57
C CYS C 34 5.06 39.50 24.20
N SER C 35 4.71 39.11 25.43
CA SER C 35 3.54 39.63 26.12
C SER C 35 2.26 39.40 25.29
N ARG C 36 2.03 38.16 24.84
CA ARG C 36 0.77 37.82 24.12
C ARG C 36 0.13 36.63 24.83
N ARG C 37 -1.14 36.32 24.53
CA ARG C 37 -1.85 35.23 25.25
C ARG C 37 -2.29 34.08 24.33
N PHE C 38 -2.02 32.83 24.71
CA PHE C 38 -2.51 31.66 23.94
C PHE C 38 -3.43 30.77 24.77
N THR C 39 -4.58 30.34 24.26
CA THR C 39 -5.52 29.45 24.99
C THR C 39 -5.10 27.99 24.83
N THR C 40 -5.02 27.23 25.91
CA THR C 40 -4.65 25.81 25.87
C THR C 40 -5.76 25.00 26.55
N VAL C 41 -6.26 23.90 25.96
CA VAL C 41 -7.30 23.00 26.55
C VAL C 41 -6.65 21.65 26.90
N GLU C 42 -7.07 21.02 28.01
CA GLU C 42 -6.50 19.74 28.45
C GLU C 42 -7.61 18.71 28.54
N THR C 43 -7.60 17.69 27.67
CA THR C 43 -8.68 16.69 27.65
C THR C 43 -8.08 15.29 27.82
N CYS C 44 -8.80 14.39 28.51
CA CYS C 44 -8.25 13.04 28.79
C CYS C 44 -8.04 12.27 27.48
N SER C 45 -6.94 11.52 27.39
CA SER C 45 -6.62 10.77 26.15
C SER C 45 -7.62 9.62 25.99
N LEU C 46 -8.17 9.44 24.77
CA LEU C 46 -9.08 8.29 24.53
C LEU C 46 -8.18 7.08 24.50
N MET C 47 -8.64 5.99 25.06
CA MET C 47 -7.86 4.76 24.95
C MET C 47 -8.86 3.62 24.80
N VAL C 48 -8.48 2.53 24.16
CA VAL C 48 -9.31 1.33 24.04
C VAL C 48 -8.57 0.18 24.68
N VAL C 49 -9.28 -0.60 25.49
CA VAL C 49 -8.76 -1.82 26.06
C VAL C 49 -9.11 -2.97 25.12
N LYS C 50 -8.12 -3.78 24.77
CA LYS C 50 -8.30 -4.79 23.75
C LYS C 50 -8.81 -6.09 24.36
N ARG C 51 -9.10 -7.06 23.48
CA ARG C 51 -9.50 -8.38 23.94
C ARG C 51 -8.36 -9.06 24.69
N SER C 52 -7.12 -8.71 24.38
CA SER C 52 -5.99 -9.26 25.10
C SER C 52 -5.99 -8.80 26.55
N GLY C 53 -6.27 -7.53 26.80
CA GLY C 53 -6.32 -7.02 28.15
C GLY C 53 -5.55 -5.72 28.32
N VAL C 54 -4.57 -5.47 27.44
CA VAL C 54 -3.75 -4.27 27.52
C VAL C 54 -4.51 -3.10 26.91
N THR C 55 -4.02 -1.88 27.12
CA THR C 55 -4.74 -0.67 26.61
C THR C 55 -3.87 0.06 25.57
N GLU C 56 -4.51 0.68 24.58
CA GLU C 56 -3.77 1.44 23.52
C GLU C 56 -4.61 2.64 23.08
N PRO C 57 -4.00 3.79 22.72
CA PRO C 57 -4.75 4.96 22.23
C PRO C 57 -5.65 4.69 21.01
N PHE C 58 -6.76 5.43 20.92
CA PHE C 58 -7.71 5.26 19.78
C PHE C 58 -7.12 5.84 18.50
N SER C 59 -7.04 5.04 17.43
CA SER C 59 -6.57 5.53 16.14
C SER C 59 -7.67 5.34 15.10
N ARG C 60 -7.95 6.39 14.33
CA ARG C 60 -8.89 6.24 13.23
C ARG C 60 -8.30 5.47 12.07
N THR C 61 -6.98 5.35 12.01
CA THR C 61 -6.38 4.54 10.95
C THR C 61 -6.81 3.08 11.06
N LYS C 62 -6.88 2.56 12.29
CA LYS C 62 -7.26 1.16 12.46
C LYS C 62 -8.74 0.93 12.12
N VAL C 63 -9.60 1.86 12.52
CA VAL C 63 -11.01 1.78 12.14
C VAL C 63 -11.15 1.78 10.62
N ILE C 64 -10.47 2.72 9.97
CA ILE C 64 -10.62 2.84 8.53
C ILE C 64 -10.02 1.63 7.82
N ASN C 65 -8.92 1.09 8.33
CA ASN C 65 -8.33 -0.11 7.73
C ASN C 65 -9.28 -1.29 7.83
N GLY C 66 -9.85 -1.50 9.02
CA GLY C 66 -10.80 -2.59 9.18
C GLY C 66 -12.00 -2.47 8.26
N VAL C 67 -12.54 -1.25 8.13
CA VAL C 67 -13.66 -1.09 7.22
C VAL C 67 -13.23 -1.26 5.77
N ARG C 68 -12.02 -0.83 5.43
CA ARG C 68 -11.56 -0.91 4.04
C ARG C 68 -11.38 -2.36 3.59
N LYS C 69 -10.84 -3.21 4.46
CA LYS C 69 -10.68 -4.61 4.09
C LYS C 69 -12.03 -5.24 3.77
N ALA C 70 -13.05 -4.93 4.55
CA ALA C 70 -14.37 -5.50 4.32
C ALA C 70 -15.01 -4.95 3.05
N CYS C 71 -14.77 -3.68 2.74
CA CYS C 71 -15.38 -3.03 1.59
C CYS C 71 -14.66 -3.33 0.28
N GLN C 72 -13.83 -4.37 0.25
CA GLN C 72 -12.98 -4.60 -0.92
C GLN C 72 -13.82 -4.98 -2.13
N GLY C 73 -13.61 -4.25 -3.23
CA GLY C 73 -14.35 -4.47 -4.45
C GLY C 73 -15.64 -3.68 -4.54
N ARG C 74 -16.14 -3.18 -3.43
CA ARG C 74 -17.41 -2.46 -3.42
C ARG C 74 -17.20 -0.99 -3.81
N PRO C 75 -18.22 -0.36 -4.38
CA PRO C 75 -18.09 1.07 -4.73
C PRO C 75 -18.16 1.98 -3.52
N VAL C 76 -17.11 1.98 -2.71
CA VAL C 76 -16.98 2.87 -1.56
C VAL C 76 -15.68 3.64 -1.72
N THR C 77 -15.80 4.95 -1.92
CA THR C 77 -14.62 5.78 -2.13
C THR C 77 -13.87 5.98 -0.81
N GLU C 78 -12.62 6.40 -0.93
CA GLU C 78 -11.82 6.66 0.27
C GLU C 78 -12.39 7.81 1.08
N ASP C 79 -13.07 8.75 0.42
CA ASP C 79 -13.70 9.84 1.14
C ASP C 79 -14.77 9.32 2.10
N ALA C 80 -15.58 8.36 1.64
CA ALA C 80 -16.60 7.79 2.50
C ALA C 80 -15.99 7.06 3.68
N LEU C 81 -14.87 6.37 3.47
CA LEU C 81 -14.20 5.70 4.58
C LEU C 81 -13.67 6.72 5.59
N ALA C 82 -13.10 7.83 5.12
CA ALA C 82 -12.62 8.84 6.05
C ALA C 82 -13.77 9.44 6.85
N GLN C 83 -14.89 9.73 6.18
CA GLN C 83 -16.05 10.26 6.89
C GLN C 83 -16.60 9.27 7.90
N LEU C 84 -16.62 7.98 7.54
CA LEU C 84 -17.08 6.95 8.46
C LEU C 84 -16.17 6.86 9.68
N GLY C 85 -14.86 6.96 9.48
CA GLY C 85 -13.96 6.97 10.62
C GLY C 85 -14.19 8.16 11.52
N GLN C 86 -14.44 9.33 10.92
CA GLN C 86 -14.74 10.51 11.72
C GLN C 86 -16.02 10.33 12.53
N ARG C 87 -17.07 9.79 11.90
CA ARG C 87 -18.33 9.56 12.60
C ARG C 87 -18.15 8.57 13.74
N VAL C 88 -17.39 7.51 13.51
CA VAL C 88 -17.15 6.53 14.56
C VAL C 88 -16.43 7.17 15.74
N GLU C 89 -15.40 7.97 15.46
CA GLU C 89 -14.68 8.62 16.55
C GLU C 89 -15.58 9.59 17.30
N GLU C 90 -16.43 10.33 16.58
CA GLU C 90 -17.38 11.23 17.24
C GLU C 90 -18.33 10.47 18.16
N ALA C 91 -18.88 9.36 17.66
CA ALA C 91 -19.82 8.57 18.46
C ALA C 91 -19.13 7.98 19.68
N VAL C 92 -17.88 7.55 19.53
CA VAL C 92 -17.14 7.01 20.66
C VAL C 92 -16.89 8.09 21.70
N ARG C 93 -16.50 9.29 21.27
CA ARG C 93 -16.22 10.36 22.22
C ARG C 93 -17.48 10.96 22.83
N ALA C 94 -18.65 10.74 22.21
CA ALA C 94 -19.88 11.29 22.75
C ALA C 94 -20.20 10.71 24.13
N THR C 95 -19.85 9.44 24.36
CA THR C 95 -20.05 8.85 25.68
C THR C 95 -19.15 9.50 26.72
N GLY C 96 -17.97 9.96 26.31
CA GLY C 96 -17.08 10.67 27.20
C GLY C 96 -16.15 9.79 28.01
N SER C 97 -16.29 8.48 27.94
CA SER C 97 -15.43 7.59 28.71
C SER C 97 -13.99 7.64 28.20
N ALA C 98 -13.04 7.62 29.13
CA ALA C 98 -11.63 7.66 28.75
C ALA C 98 -11.18 6.33 28.16
N GLU C 99 -11.65 5.22 28.73
CA GLU C 99 -11.30 3.88 28.25
C GLU C 99 -12.54 3.22 27.69
N LEU C 100 -12.49 2.79 26.42
CA LEU C 100 -13.61 2.09 25.74
C LEU C 100 -13.14 0.68 25.41
N THR C 101 -14.05 -0.20 25.03
CA THR C 101 -13.63 -1.59 24.76
C THR C 101 -13.83 -1.89 23.29
N THR C 102 -12.82 -2.48 22.65
CA THR C 102 -12.86 -2.70 21.20
C THR C 102 -14.25 -3.17 20.80
N HIS C 103 -14.88 -3.97 21.62
CA HIS C 103 -16.21 -4.47 21.29
C HIS C 103 -17.12 -3.26 21.03
N ASP C 104 -17.14 -2.23 21.86
CA ASP C 104 -18.04 -1.09 21.53
C ASP C 104 -17.61 -0.39 20.26
N VAL C 105 -16.30 -0.21 20.01
CA VAL C 105 -15.84 0.40 18.74
C VAL C 105 -16.50 -0.40 17.63
N GLY C 106 -16.61 -1.73 17.76
CA GLY C 106 -17.22 -2.49 16.69
C GLY C 106 -18.70 -2.20 16.54
N LEU C 107 -19.43 -2.15 17.66
CA LEU C 107 -20.84 -1.77 17.57
C LEU C 107 -21.04 -0.36 17.05
N ALA C 108 -20.09 0.54 17.32
CA ALA C 108 -20.17 1.87 16.74
C ALA C 108 -19.90 1.84 15.25
N ILE C 109 -18.98 0.98 14.79
CA ILE C 109 -18.67 0.89 13.37
C ILE C 109 -19.85 0.31 12.60
N LEU C 110 -20.51 -0.71 13.18
CA LEU C 110 -21.57 -1.43 12.48
C LEU C 110 -22.80 -0.58 12.21
N GLY C 111 -22.90 0.61 12.81
CA GLY C 111 -24.01 1.50 12.55
C GLY C 111 -23.91 2.16 11.19
N PRO C 112 -22.91 3.03 11.01
CA PRO C 112 -22.74 3.68 9.70
C PRO C 112 -22.43 2.73 8.57
N LEU C 113 -21.70 1.64 8.86
CA LEU C 113 -21.30 0.71 7.80
C LEU C 113 -22.52 0.06 7.18
N GLN C 114 -23.54 -0.22 7.98
CA GLN C 114 -24.75 -0.87 7.46
C GLN C 114 -25.44 0.02 6.44
N GLU C 115 -25.48 1.33 6.69
CA GLU C 115 -26.03 2.24 5.70
C GLU C 115 -25.10 2.43 4.52
N LEU C 116 -23.79 2.29 4.75
CA LEU C 116 -22.82 2.47 3.68
C LEU C 116 -22.91 1.35 2.64
N ASP C 117 -22.93 0.10 3.09
CA ASP C 117 -22.85 -1.05 2.18
C ASP C 117 -23.27 -2.30 2.91
N LEU C 118 -24.24 -3.03 2.36
CA LEU C 118 -24.77 -4.21 3.03
C LEU C 118 -23.78 -5.37 2.96
N VAL C 119 -23.24 -5.64 1.77
CA VAL C 119 -22.29 -6.73 1.61
C VAL C 119 -21.06 -6.49 2.46
N ALA C 120 -20.58 -5.24 2.47
CA ALA C 120 -19.47 -4.89 3.34
C ALA C 120 -19.84 -5.14 4.80
N TYR C 121 -21.09 -4.86 5.17
CA TYR C 121 -21.49 -5.07 6.55
C TYR C 121 -21.42 -6.54 6.93
N LEU C 122 -21.93 -7.42 6.08
CA LEU C 122 -21.87 -8.84 6.40
C LEU C 122 -20.45 -9.38 6.38
N ARG C 123 -19.63 -8.90 5.44
CA ARG C 123 -18.25 -9.36 5.38
C ARG C 123 -17.45 -8.85 6.58
N PHE C 124 -17.84 -7.70 7.14
CA PHE C 124 -17.24 -7.21 8.37
C PHE C 124 -17.72 -8.01 9.59
N ALA C 125 -19.03 -8.27 9.65
CA ALA C 125 -19.58 -9.00 10.78
C ALA C 125 -19.06 -10.42 10.85
N SER C 126 -18.85 -11.05 9.69
CA SER C 126 -18.35 -12.42 9.65
C SER C 126 -17.00 -12.58 10.33
N VAL C 127 -16.25 -11.49 10.49
CA VAL C 127 -14.96 -11.55 11.16
C VAL C 127 -15.09 -10.97 12.55
N TYR C 128 -15.98 -9.99 12.71
CA TYR C 128 -16.16 -9.36 14.01
C TYR C 128 -16.86 -10.30 14.98
N ARG C 129 -17.95 -10.94 14.55
CA ARG C 129 -18.70 -11.86 15.38
C ARG C 129 -18.16 -13.28 15.36
N ALA C 130 -17.17 -13.56 14.51
CA ALA C 130 -16.54 -14.87 14.41
C ALA C 130 -17.57 -15.95 14.06
N PHE C 131 -18.13 -15.83 12.86
CA PHE C 131 -19.08 -16.82 12.37
C PHE C 131 -18.38 -18.17 12.19
N ASP C 132 -19.16 -19.25 12.35
CA ASP C 132 -18.64 -20.60 12.20
C ASP C 132 -19.37 -21.44 11.17
N SER C 133 -20.66 -21.19 10.94
CA SER C 133 -21.44 -21.98 10.00
C SER C 133 -22.21 -21.04 9.07
N LEU C 134 -22.84 -21.62 8.06
CA LEU C 134 -23.68 -20.82 7.18
C LEU C 134 -24.87 -20.25 7.92
N GLU C 135 -25.40 -20.96 8.91
CA GLU C 135 -26.64 -20.55 9.57
C GLU C 135 -26.55 -19.12 10.08
N ASP C 136 -25.36 -18.71 10.52
CA ASP C 136 -25.16 -17.34 10.97
C ASP C 136 -25.38 -16.34 9.85
N PHE C 137 -25.08 -16.72 8.62
CA PHE C 137 -25.18 -15.74 7.52
C PHE C 137 -26.62 -15.36 7.23
N GLU C 138 -27.52 -16.34 7.08
CA GLU C 138 -28.91 -15.95 6.91
C GLU C 138 -29.58 -15.55 8.21
N ALA C 139 -29.00 -15.91 9.37
CA ALA C 139 -29.46 -15.30 10.61
C ALA C 139 -29.24 -13.80 10.59
N ALA C 140 -28.03 -13.37 10.20
CA ALA C 140 -27.74 -11.94 10.08
C ALA C 140 -28.52 -11.29 8.96
N ILE C 141 -28.67 -11.99 7.87
CA ILE C 141 -29.53 -11.40 6.83
C ILE C 141 -30.92 -11.29 7.44
N ALA C 142 -31.28 -12.15 8.38
CA ALA C 142 -32.62 -11.96 8.97
C ALA C 142 -32.72 -10.60 9.64
N GLU C 143 -31.80 -10.28 10.55
CA GLU C 143 -31.92 -9.03 11.31
C GLU C 143 -31.87 -7.83 10.36
N LEU C 144 -30.98 -7.87 9.39
CA LEU C 144 -30.86 -6.78 8.40
C LEU C 144 -32.17 -6.68 7.61
N ARG C 145 -32.77 -7.82 7.29
CA ARG C 145 -33.95 -7.78 6.40
C ARG C 145 -35.15 -7.24 7.16
N GLU C 146 -35.17 -7.38 8.49
CA GLU C 146 -36.34 -6.98 9.31
C GLU C 146 -36.58 -5.48 9.19
N THR C 147 -35.53 -4.67 9.18
CA THR C 147 -35.66 -3.19 9.09
C THR C 147 -36.60 -2.81 7.94
N MET D 1 12.90 -33.33 -12.90
CA MET D 1 11.67 -32.54 -13.15
C MET D 1 10.47 -33.45 -13.01
N HIS D 2 9.90 -33.49 -11.82
CA HIS D 2 8.72 -34.30 -11.52
C HIS D 2 7.68 -34.14 -12.62
N CYS D 3 7.09 -35.24 -13.03
CA CYS D 3 6.09 -35.22 -14.09
C CYS D 3 4.86 -34.45 -13.63
N PRO D 4 4.35 -33.51 -14.42
CA PRO D 4 3.16 -32.76 -14.00
C PRO D 4 1.93 -33.62 -13.79
N PHE D 5 1.79 -34.72 -14.56
CA PHE D 5 0.55 -35.50 -14.51
C PHE D 5 0.48 -36.42 -13.30
N CYS D 6 1.63 -36.92 -12.81
CA CYS D 6 1.60 -37.87 -11.71
C CYS D 6 2.64 -37.61 -10.63
N ARG D 7 3.47 -36.57 -10.76
CA ARG D 7 4.42 -36.17 -9.72
C ARG D 7 5.41 -37.29 -9.38
N HIS D 8 5.88 -38.00 -10.40
CA HIS D 8 6.89 -39.03 -10.18
C HIS D 8 8.28 -38.45 -10.44
N PRO D 9 9.29 -38.58 -9.53
CA PRO D 9 10.58 -37.95 -9.80
C PRO D 9 11.41 -38.42 -11.01
N ASP D 10 12.49 -37.74 -11.34
CA ASP D 10 13.42 -38.16 -12.43
C ASP D 10 12.73 -38.53 -13.73
N SER D 11 12.12 -37.57 -14.42
CA SER D 11 11.60 -37.89 -15.77
C SER D 11 12.79 -38.04 -16.70
N ARG D 12 12.58 -38.60 -17.88
CA ARG D 12 13.72 -38.90 -18.78
C ARG D 12 13.57 -38.11 -20.06
N VAL D 13 14.66 -37.49 -20.50
CA VAL D 13 14.60 -36.66 -21.72
C VAL D 13 14.34 -37.55 -22.94
N VAL D 14 13.61 -37.06 -23.92
CA VAL D 14 13.41 -37.85 -25.17
C VAL D 14 14.15 -37.09 -26.27
N ASP D 15 13.71 -35.87 -26.61
CA ASP D 15 14.38 -35.03 -27.64
C ASP D 15 15.08 -33.85 -26.97
N SER D 16 16.16 -33.32 -27.52
CA SER D 16 16.79 -32.07 -27.00
C SER D 16 17.12 -31.14 -28.15
N ARG D 17 16.11 -30.65 -28.86
CA ARG D 17 16.34 -29.85 -30.08
C ARG D 17 16.59 -28.38 -29.79
N THR D 18 17.85 -27.95 -29.82
CA THR D 18 18.15 -26.52 -29.66
C THR D 18 17.53 -25.76 -30.83
N THR D 19 16.94 -24.61 -30.56
CA THR D 19 16.41 -23.75 -31.64
C THR D 19 17.47 -22.68 -31.86
N ASP D 20 17.62 -22.16 -33.09
CA ASP D 20 18.70 -21.15 -33.31
C ASP D 20 18.25 -19.73 -33.00
N ASP D 21 17.25 -19.23 -33.71
CA ASP D 21 16.84 -17.83 -33.61
C ASP D 21 16.60 -17.41 -32.18
N GLY D 22 16.12 -18.32 -31.32
CA GLY D 22 15.76 -17.89 -29.95
C GLY D 22 16.74 -18.19 -28.82
N THR D 23 17.77 -19.00 -29.04
CA THR D 23 18.72 -19.45 -27.97
C THR D 23 17.98 -20.30 -26.92
N SER D 24 16.88 -20.97 -27.30
CA SER D 24 16.05 -21.76 -26.37
C SER D 24 15.98 -23.25 -26.74
N ILE D 25 16.67 -24.10 -26.00
CA ILE D 25 16.62 -25.57 -26.26
C ILE D 25 15.19 -26.02 -25.94
N ARG D 26 14.58 -26.90 -26.74
CA ARG D 26 13.23 -27.46 -26.48
C ARG D 26 13.36 -28.95 -26.28
N ARG D 27 13.24 -29.43 -25.05
CA ARG D 27 13.47 -30.83 -24.77
C ARG D 27 12.12 -31.44 -24.47
N ARG D 28 11.74 -32.53 -25.12
CA ARG D 28 10.49 -33.23 -24.76
C ARG D 28 10.88 -34.30 -23.78
N ARG D 29 10.17 -34.43 -22.70
CA ARG D 29 10.58 -35.38 -21.64
C ARG D 29 9.42 -36.35 -21.45
N GLN D 30 9.65 -37.56 -20.94
CA GLN D 30 8.55 -38.56 -20.81
C GLN D 30 8.69 -39.24 -19.46
N CYS D 31 7.58 -39.61 -18.83
CA CYS D 31 7.68 -40.14 -17.44
C CYS D 31 7.81 -41.64 -17.47
N PRO D 32 8.58 -42.27 -16.56
CA PRO D 32 8.65 -43.74 -16.49
C PRO D 32 7.36 -44.38 -16.01
N ASP D 33 6.62 -43.74 -15.10
CA ASP D 33 5.46 -44.37 -14.49
C ASP D 33 4.22 -44.25 -15.39
N CYS D 34 3.79 -43.02 -15.65
CA CYS D 34 2.54 -42.82 -16.39
C CYS D 34 2.70 -42.97 -17.89
N SER D 35 3.94 -42.96 -18.39
CA SER D 35 4.21 -43.08 -19.83
C SER D 35 3.50 -41.97 -20.62
N ARG D 36 3.69 -40.71 -20.21
CA ARG D 36 3.12 -39.56 -20.96
C ARG D 36 4.27 -38.59 -21.26
N ARG D 37 4.06 -37.62 -22.17
CA ARG D 37 5.16 -36.71 -22.57
C ARG D 37 4.87 -35.23 -22.25
N PHE D 38 5.82 -34.52 -21.63
CA PHE D 38 5.67 -33.07 -21.38
C PHE D 38 6.77 -32.25 -22.08
N THR D 39 6.42 -31.16 -22.76
CA THR D 39 7.43 -30.30 -23.44
C THR D 39 8.02 -29.29 -22.46
N THR D 40 9.33 -29.15 -22.41
CA THR D 40 10.00 -28.19 -21.52
C THR D 40 10.90 -27.29 -22.36
N VAL D 41 10.88 -25.95 -22.20
CA VAL D 41 11.74 -24.98 -22.92
C VAL D 41 12.74 -24.36 -21.94
N GLU D 42 13.98 -24.10 -22.37
CA GLU D 42 15.02 -23.53 -21.49
C GLU D 42 15.50 -22.23 -22.09
N THR D 43 15.23 -21.11 -21.43
CA THR D 43 15.62 -19.78 -21.98
C THR D 43 16.49 -19.03 -20.96
N CYS D 44 17.47 -18.25 -21.43
CA CYS D 44 18.40 -17.56 -20.51
C CYS D 44 17.63 -16.54 -19.65
N SER D 45 17.98 -16.45 -18.37
CA SER D 45 17.28 -15.51 -17.44
C SER D 45 17.61 -14.07 -17.81
N LEU D 46 16.59 -13.20 -17.88
CA LEU D 46 16.87 -11.77 -18.16
C LEU D 46 17.48 -11.23 -16.90
N MET D 47 18.46 -10.36 -17.03
CA MET D 47 19.02 -9.73 -15.83
C MET D 47 19.35 -8.30 -16.21
N VAL D 48 19.34 -7.37 -15.27
CA VAL D 48 19.74 -5.99 -15.51
C VAL D 48 20.91 -5.69 -14.59
N VAL D 49 21.94 -5.05 -15.13
CA VAL D 49 23.05 -4.55 -14.35
C VAL D 49 22.75 -3.12 -13.95
N LYS D 50 22.91 -2.82 -12.67
CA LYS D 50 22.49 -1.54 -12.13
C LYS D 50 23.59 -0.51 -12.25
N ARG D 51 23.27 0.74 -11.88
CA ARG D 51 24.28 1.78 -11.84
C ARG D 51 25.34 1.49 -10.80
N SER D 52 24.99 0.74 -9.75
CA SER D 52 25.97 0.34 -8.75
C SER D 52 27.03 -0.58 -9.35
N GLY D 53 26.61 -1.54 -10.17
CA GLY D 53 27.54 -2.45 -10.79
C GLY D 53 27.12 -3.91 -10.67
N VAL D 54 26.32 -4.22 -9.67
CA VAL D 54 25.86 -5.59 -9.44
C VAL D 54 24.72 -5.91 -10.39
N THR D 55 24.36 -7.19 -10.49
CA THR D 55 23.28 -7.60 -11.45
C THR D 55 22.09 -8.19 -10.68
N GLU D 56 20.88 -7.98 -11.20
CA GLU D 56 19.65 -8.52 -10.55
C GLU D 56 18.61 -8.89 -11.63
N PRO D 57 17.80 -9.95 -11.44
CA PRO D 57 16.76 -10.32 -12.41
C PRO D 57 15.75 -9.20 -12.75
N PHE D 58 15.24 -9.21 -13.98
CA PHE D 58 14.25 -8.18 -14.42
C PHE D 58 12.90 -8.43 -13.77
N SER D 59 12.35 -7.42 -13.08
CA SER D 59 11.02 -7.52 -12.50
C SER D 59 10.11 -6.45 -13.07
N ARG D 60 8.93 -6.84 -13.52
CA ARG D 60 7.96 -5.84 -13.97
C ARG D 60 7.36 -5.06 -12.82
N THR D 61 7.46 -5.57 -11.60
CA THR D 61 6.96 -4.81 -10.46
C THR D 61 7.72 -3.51 -10.30
N LYS D 62 9.04 -3.53 -10.50
CA LYS D 62 9.83 -2.31 -10.34
C LYS D 62 9.54 -1.31 -11.44
N VAL D 63 9.38 -1.77 -12.67
CA VAL D 63 8.99 -0.88 -13.76
C VAL D 63 7.65 -0.23 -13.45
N ILE D 64 6.67 -1.03 -13.04
CA ILE D 64 5.34 -0.50 -12.81
C ILE D 64 5.34 0.44 -11.62
N ASN D 65 6.13 0.13 -10.57
CA ASN D 65 6.22 1.03 -9.43
C ASN D 65 6.80 2.38 -9.83
N GLY D 66 7.90 2.36 -10.58
CA GLY D 66 8.49 3.60 -11.03
C GLY D 66 7.54 4.44 -11.87
N VAL D 67 6.81 3.80 -12.77
CA VAL D 67 5.86 4.55 -13.57
C VAL D 67 4.70 5.05 -12.70
N ARG D 68 4.28 4.26 -11.71
CA ARG D 68 3.15 4.65 -10.88
C ARG D 68 3.45 5.87 -10.04
N LYS D 69 4.66 5.95 -9.48
CA LYS D 69 5.01 7.12 -8.69
C LYS D 69 4.93 8.38 -9.52
N ALA D 70 5.40 8.33 -10.77
CA ALA D 70 5.37 9.50 -11.63
C ALA D 70 3.94 9.86 -12.05
N CYS D 71 3.09 8.86 -12.24
CA CYS D 71 1.73 9.09 -12.70
C CYS D 71 0.79 9.50 -11.58
N GLN D 72 1.31 9.93 -10.43
CA GLN D 72 0.45 10.15 -9.27
C GLN D 72 -0.49 11.33 -9.51
N GLY D 73 -1.78 11.09 -9.30
CA GLY D 73 -2.80 12.08 -9.52
C GLY D 73 -3.35 12.12 -10.93
N ARG D 74 -2.66 11.53 -11.88
CA ARG D 74 -3.08 11.57 -13.26
C ARG D 74 -4.11 10.47 -13.54
N PRO D 75 -4.99 10.67 -14.53
CA PRO D 75 -5.96 9.63 -14.86
C PRO D 75 -5.34 8.47 -15.63
N VAL D 76 -4.55 7.65 -14.94
CA VAL D 76 -3.96 6.45 -15.51
C VAL D 76 -4.38 5.28 -14.63
N THR D 77 -5.19 4.39 -15.18
CA THR D 77 -5.68 3.25 -14.42
C THR D 77 -4.57 2.22 -14.22
N GLU D 78 -4.78 1.33 -13.24
CA GLU D 78 -3.79 0.29 -12.99
C GLU D 78 -3.68 -0.68 -14.17
N ASP D 79 -4.75 -0.82 -14.95
CA ASP D 79 -4.69 -1.66 -16.14
C ASP D 79 -3.68 -1.11 -17.14
N ALA D 80 -3.69 0.21 -17.35
CA ALA D 80 -2.74 0.81 -18.26
C ALA D 80 -1.30 0.62 -17.78
N LEU D 81 -1.07 0.72 -16.47
CA LEU D 81 0.26 0.49 -15.94
C LEU D 81 0.71 -0.95 -16.15
N ALA D 82 -0.19 -1.91 -15.96
CA ALA D 82 0.17 -3.30 -16.21
C ALA D 82 0.50 -3.53 -17.67
N GLN D 83 -0.31 -2.97 -18.57
CA GLN D 83 -0.02 -3.11 -19.99
C GLN D 83 1.29 -2.44 -20.37
N LEU D 84 1.58 -1.29 -19.78
CA LEU D 84 2.85 -0.63 -20.05
C LEU D 84 4.03 -1.46 -19.57
N GLY D 85 3.91 -2.08 -18.40
CA GLY D 85 4.96 -2.96 -17.94
C GLY D 85 5.17 -4.15 -18.87
N GLN D 86 4.07 -4.72 -19.37
CA GLN D 86 4.18 -5.82 -20.33
C GLN D 86 4.88 -5.37 -21.61
N ARG D 87 4.51 -4.20 -22.13
CA ARG D 87 5.14 -3.70 -23.34
C ARG D 87 6.63 -3.44 -23.13
N VAL D 88 6.99 -2.88 -21.98
CA VAL D 88 8.39 -2.63 -21.69
C VAL D 88 9.17 -3.95 -21.64
N GLU D 89 8.61 -4.96 -20.97
CA GLU D 89 9.32 -6.24 -20.92
C GLU D 89 9.45 -6.86 -22.30
N GLU D 90 8.41 -6.75 -23.13
CA GLU D 90 8.49 -7.27 -24.49
C GLU D 90 9.58 -6.57 -25.28
N ALA D 91 9.63 -5.23 -25.19
CA ALA D 91 10.64 -4.48 -25.93
C ALA D 91 12.04 -4.82 -25.45
N VAL D 92 12.20 -5.01 -24.14
CA VAL D 92 13.51 -5.39 -23.61
C VAL D 92 13.92 -6.77 -24.11
N ARG D 93 13.00 -7.73 -24.11
CA ARG D 93 13.35 -9.07 -24.56
C ARG D 93 13.49 -9.17 -26.07
N ALA D 94 12.98 -8.21 -26.83
CA ALA D 94 13.10 -8.25 -28.28
C ALA D 94 14.56 -8.18 -28.72
N THR D 95 15.39 -7.45 -27.98
CA THR D 95 16.81 -7.40 -28.31
C THR D 95 17.49 -8.75 -28.07
N GLY D 96 16.98 -9.52 -27.10
CA GLY D 96 17.50 -10.85 -26.85
C GLY D 96 18.69 -10.92 -25.93
N SER D 97 19.24 -9.78 -25.51
CA SER D 97 20.40 -9.80 -24.63
C SER D 97 20.04 -10.33 -23.25
N ALA D 98 20.93 -11.13 -22.68
CA ALA D 98 20.68 -11.68 -21.35
C ALA D 98 20.84 -10.63 -20.27
N GLU D 99 21.82 -9.76 -20.40
CA GLU D 99 22.06 -8.69 -19.44
C GLU D 99 21.81 -7.34 -20.10
N LEU D 100 20.90 -6.54 -19.53
CA LEU D 100 20.56 -5.18 -20.05
C LEU D 100 20.97 -4.18 -19.00
N THR D 101 20.99 -2.90 -19.33
CA THR D 101 21.46 -1.90 -18.34
C THR D 101 20.30 -0.99 -17.98
N THR D 102 20.09 -0.77 -16.69
CA THR D 102 18.93 0.00 -16.22
C THR D 102 18.70 1.19 -17.14
N HIS D 103 19.75 1.79 -17.62
CA HIS D 103 19.60 2.95 -18.49
C HIS D 103 18.74 2.53 -19.68
N ASP D 104 18.97 1.41 -20.34
CA ASP D 104 18.07 1.07 -21.48
C ASP D 104 16.65 0.81 -21.01
N VAL D 105 16.45 0.14 -19.86
CA VAL D 105 15.07 -0.07 -19.34
C VAL D 105 14.43 1.31 -19.28
N GLY D 106 15.18 2.35 -18.90
CA GLY D 106 14.56 3.67 -18.84
C GLY D 106 14.18 4.22 -20.19
N LEU D 107 15.08 4.07 -21.18
CA LEU D 107 14.73 4.50 -22.53
C LEU D 107 13.58 3.68 -23.11
N ALA D 108 13.46 2.42 -22.72
CA ALA D 108 12.31 1.63 -23.12
C ALA D 108 11.03 2.10 -22.46
N ILE D 109 11.12 2.52 -21.20
CA ILE D 109 9.94 3.00 -20.48
C ILE D 109 9.46 4.32 -21.06
N LEU D 110 10.39 5.20 -21.41
CA LEU D 110 10.06 6.55 -21.85
C LEU D 110 9.33 6.57 -23.18
N GLY D 111 9.27 5.46 -23.91
CA GLY D 111 8.53 5.40 -25.14
C GLY D 111 7.04 5.36 -24.94
N PRO D 112 6.53 4.27 -24.35
CA PRO D 112 5.09 4.18 -24.08
C PRO D 112 4.59 5.22 -23.11
N LEU D 113 5.41 5.60 -22.13
CA LEU D 113 4.96 6.57 -21.12
C LEU D 113 4.63 7.91 -21.75
N GLN D 114 5.40 8.31 -22.76
CA GLN D 114 5.15 9.59 -23.42
C GLN D 114 3.79 9.62 -24.07
N GLU D 115 3.38 8.51 -24.69
CA GLU D 115 2.04 8.44 -25.26
C GLU D 115 0.98 8.30 -24.17
N LEU D 116 1.35 7.71 -23.04
CA LEU D 116 0.39 7.51 -21.95
C LEU D 116 0.01 8.85 -21.30
N ASP D 117 1.00 9.66 -20.96
CA ASP D 117 0.76 10.88 -20.18
C ASP D 117 1.97 11.79 -20.26
N LEU D 118 1.76 13.04 -20.67
CA LEU D 118 2.88 13.96 -20.86
C LEU D 118 3.44 14.43 -19.53
N VAL D 119 2.56 14.83 -18.61
CA VAL D 119 3.02 15.31 -17.31
C VAL D 119 3.72 14.20 -16.57
N ALA D 120 3.17 12.98 -16.64
CA ALA D 120 3.86 11.84 -16.06
C ALA D 120 5.21 11.63 -16.69
N TYR D 121 5.32 11.87 -18.00
CA TYR D 121 6.61 11.69 -18.67
C TYR D 121 7.65 12.67 -18.14
N LEU D 122 7.28 13.94 -17.99
CA LEU D 122 8.24 14.90 -17.48
C LEU D 122 8.58 14.66 -16.02
N ARG D 123 7.59 14.26 -15.22
CA ARG D 123 7.87 13.98 -13.82
C ARG D 123 8.72 12.72 -13.66
N PHE D 124 8.64 11.79 -14.62
CA PHE D 124 9.54 10.64 -14.62
C PHE D 124 10.93 11.02 -15.08
N ALA D 125 11.02 11.83 -16.14
CA ALA D 125 12.33 12.23 -16.67
C ALA D 125 13.10 13.07 -15.68
N SER D 126 12.40 13.92 -14.92
CA SER D 126 13.05 14.77 -13.93
C SER D 126 13.81 13.98 -12.89
N VAL D 127 13.49 12.71 -12.69
CA VAL D 127 14.20 11.88 -11.73
C VAL D 127 15.14 10.94 -12.47
N TYR D 128 14.74 10.52 -13.68
CA TYR D 128 15.57 9.62 -14.45
C TYR D 128 16.81 10.31 -14.98
N ARG D 129 16.66 11.51 -15.54
CA ARG D 129 17.78 12.26 -16.10
C ARG D 129 18.47 13.13 -15.05
N ALA D 130 17.93 13.20 -13.84
CA ALA D 130 18.52 13.98 -12.74
C ALA D 130 18.66 15.46 -13.11
N PHE D 131 17.51 16.10 -13.31
CA PHE D 131 17.49 17.52 -13.61
C PHE D 131 18.03 18.32 -12.43
N ASP D 132 18.62 19.47 -12.73
CA ASP D 132 19.17 20.35 -11.71
C ASP D 132 18.62 21.77 -11.73
N SER D 133 18.20 22.27 -12.88
CA SER D 133 17.70 23.62 -13.00
C SER D 133 16.39 23.62 -13.77
N LEU D 134 15.73 24.78 -13.81
CA LEU D 134 14.52 24.90 -14.60
C LEU D 134 14.80 24.72 -16.09
N GLU D 135 15.97 25.16 -16.55
CA GLU D 135 16.26 25.16 -17.99
C GLU D 135 16.03 23.80 -18.61
N ASP D 136 16.31 22.73 -17.86
CA ASP D 136 16.07 21.38 -18.34
C ASP D 136 14.59 21.13 -18.61
N PHE D 137 13.71 21.78 -17.85
CA PHE D 137 12.28 21.48 -17.99
C PHE D 137 11.74 21.98 -19.32
N GLU D 138 12.02 23.24 -19.68
CA GLU D 138 11.57 23.67 -21.01
C GLU D 138 12.48 23.15 -22.11
N ALA D 139 13.70 22.72 -21.81
CA ALA D 139 14.47 21.97 -22.80
C ALA D 139 13.74 20.69 -23.18
N ALA D 140 13.29 19.92 -22.19
CA ALA D 140 12.53 18.71 -22.46
C ALA D 140 11.18 19.00 -23.08
N ILE D 141 10.54 20.06 -22.62
CA ILE D 141 9.28 20.41 -23.31
C ILE D 141 9.66 20.75 -24.74
N ALA D 142 10.87 21.24 -24.99
CA ALA D 142 11.21 21.50 -26.41
C ALA D 142 11.13 20.21 -27.21
N GLU D 143 11.85 19.18 -26.79
CA GLU D 143 11.91 17.95 -27.61
C GLU D 143 10.51 17.34 -27.76
N LEU D 144 9.74 17.33 -26.69
CA LEU D 144 8.36 16.81 -26.74
C LEU D 144 7.53 17.66 -27.67
N ARG D 145 7.75 18.97 -27.67
CA ARG D 145 6.87 19.85 -28.47
C ARG D 145 7.18 19.70 -29.95
N GLU D 146 8.41 19.30 -30.29
CA GLU D 146 8.85 19.23 -31.70
C GLU D 146 8.01 18.21 -32.47
N THR D 147 7.70 17.07 -31.86
CA THR D 147 6.90 16.01 -32.53
C THR D 147 5.65 16.61 -33.17
PG ATP G . -7.93 -8.50 -10.90
O1G ATP G . -7.71 -8.50 -9.43
O2G ATP G . -9.39 -8.21 -11.28
O3G ATP G . -7.02 -7.53 -11.66
PB ATP G . -6.67 -11.12 -11.09
O1B ATP G . -5.84 -11.61 -12.20
O2B ATP G . -5.89 -10.64 -9.88
O3B ATP G . -7.62 -9.93 -11.53
PA ATP G . -8.88 -12.06 -9.48
O1A ATP G . -10.09 -11.45 -10.06
O2A ATP G . -8.29 -11.31 -8.29
O3A ATP G . -7.72 -12.19 -10.56
O5' ATP G . -9.19 -13.53 -8.94
C5' ATP G . -9.03 -14.75 -9.70
C4' ATP G . -8.09 -15.69 -9.00
O4' ATP G . -6.84 -15.75 -9.73
C3' ATP G . -7.75 -15.35 -7.55
O3' ATP G . -8.03 -16.46 -6.70
C2' ATP G . -6.26 -14.98 -7.59
O2' ATP G . -5.54 -15.38 -6.44
C1' ATP G . -5.77 -15.76 -8.80
N9 ATP G . -4.59 -15.17 -9.44
C8 ATP G . -4.48 -13.91 -9.95
N7 ATP G . -3.30 -13.66 -10.48
C5 ATP G . -2.60 -14.83 -10.30
C6 ATP G . -1.29 -15.22 -10.65
N6 ATP G . -0.43 -14.43 -11.30
N1 ATP G . -0.90 -16.47 -10.32
C2 ATP G . -1.76 -17.27 -9.68
N3 ATP G . -3.03 -17.02 -9.32
C4 ATP G . -3.38 -15.78 -9.66
PG DTP H . -3.47 -9.24 -7.76
O1G DTP H . -4.73 -8.46 -7.65
O2G DTP H . -2.42 -8.88 -6.71
O3G DTP H . -2.83 -9.14 -9.15
PB DTP H . -3.99 -11.68 -6.26
O1B DTP H . -3.28 -11.16 -5.08
O2B DTP H . -3.65 -13.12 -6.63
O3B DTP H . -3.74 -10.80 -7.56
PA DTP H . -6.57 -10.63 -5.33
O1A DTP H . -5.98 -10.10 -4.09
O2A DTP H . -7.06 -9.57 -6.33
O3A DTP H . -5.57 -11.59 -6.12
O5' DTP H . -7.80 -11.57 -5.02
C5' DTP H . -7.68 -12.98 -4.71
C4' DTP H . -9.03 -13.59 -4.41
O4' DTP H . -9.09 -13.92 -3.01
C3' DTP H . -10.24 -12.67 -4.66
O3' DTP H . -10.75 -12.92 -5.98
C2' DTP H . -11.22 -13.12 -3.60
C1' DTP H . -10.32 -13.54 -2.44
N9 DTP H . -10.06 -12.51 -1.43
C8 DTP H . -9.06 -11.58 -1.42
N7 DTP H . -9.05 -10.81 -0.35
C5 DTP H . -10.12 -11.28 0.39
C6 DTP H . -10.65 -10.88 1.64
N6 DTP H . -10.17 -9.88 2.37
N1 DTP H . -11.73 -11.56 2.10
C2 DTP H . -12.23 -12.56 1.37
N3 DTP H . -11.82 -13.01 0.17
C4 DTP H . -10.76 -12.32 -0.26
ZN ZN I . 30.48 -16.59 -25.18
PG ATP J . -6.08 14.72 -0.55
O1G ATP J . -4.77 14.04 -0.77
O2G ATP J . -6.65 15.34 -1.82
O3G ATP J . -7.14 13.82 0.09
PB ATP J . -4.90 16.26 1.64
O1B ATP J . -5.58 16.68 2.88
O2B ATP J . -4.01 15.04 1.79
O3B ATP J . -5.93 15.95 0.47
PA ATP J . -3.21 17.43 -0.40
O1A ATP J . -4.11 17.75 -1.53
O2A ATP J . -2.49 16.09 -0.52
O3A ATP J . -4.01 17.39 0.98
O5' ATP J . -2.06 18.51 -0.24
C5' ATP J . -2.13 19.69 0.57
C4' ATP J . -1.01 19.73 1.58
O4' ATP J . -1.52 19.46 2.90
C3' ATP J . 0.14 18.74 1.32
O3' ATP J . 1.38 19.41 1.26
C2' ATP J . 0.03 17.75 2.49
O2' ATP J . 1.29 17.28 2.95
C1' ATP J . -0.63 18.60 3.57
N9 ATP J . -1.38 17.83 4.55
C8 ATP J . -2.41 16.96 4.31
N7 ATP J . -2.91 16.41 5.39
C5 ATP J . -2.15 16.95 6.41
C6 ATP J . -2.17 16.76 7.81
N6 ATP J . -3.05 15.98 8.45
N1 ATP J . -1.26 17.43 8.55
C2 ATP J . -0.39 18.22 7.92
N3 ATP J . -0.27 18.49 6.62
C4 ATP J . -1.19 17.82 5.92
PG DTP K . -2.66 11.96 2.75
O1G DTP K . -3.02 11.90 1.32
O2G DTP K . -1.82 10.77 3.23
O3G DTP K . -3.86 12.11 3.67
PB DTP K . -0.21 13.55 2.82
O1B DTP K . 0.63 12.34 2.91
O2B DTP K . 0.18 14.67 3.78
O3B DTP K . -1.75 13.23 3.07
PA DTP K . -0.09 13.58 -0.12
O1A DTP K . 0.79 12.41 -0.16
O2A DTP K . -1.49 13.38 -0.68
O3A DTP K . -0.25 14.17 1.36
O5' DTP K . 0.55 14.79 -0.92
C5' DTP K . 1.50 15.73 -0.36
C4' DTP K . 1.95 16.73 -1.39
O4' DTP K . 3.33 16.49 -1.69
C3' DTP K . 1.20 16.70 -2.72
O3' DTP K . 0.13 17.64 -2.70
C2' DTP K . 2.28 17.09 -3.72
C1' DTP K . 3.55 16.55 -3.10
N9 DTP K . 3.97 15.22 -3.55
C8 DTP K . 3.61 14.00 -3.04
N7 DTP K . 4.18 12.98 -3.64
C5 DTP K . 4.97 13.57 -4.61
C6 DTP K . 5.84 13.04 -5.59
N6 DTP K . 6.05 11.73 -5.76
N1 DTP K . 6.49 13.90 -6.40
C2 DTP K . 6.28 15.21 -6.23
N3 DTP K . 5.48 15.83 -5.35
C4 DTP K . 4.85 14.95 -4.58
ZN ZN L . -11.95 8.38 40.27
PG ATP M . -7.39 -8.65 18.75
O1G ATP M . -6.93 -9.22 17.45
O2G ATP M . -6.55 -7.47 19.23
O3G ATP M . -7.49 -9.67 19.88
PB ATP M . -9.47 -6.61 18.93
O1B ATP M . -9.30 -6.26 20.36
O2B ATP M . -8.87 -5.65 17.91
O3B ATP M . -8.87 -8.06 18.62
PA ATP M . -11.78 -6.96 17.16
O1A ATP M . -12.66 -8.15 17.16
O2A ATP M . -10.76 -6.91 16.03
O3A ATP M . -10.99 -6.82 18.55
O5' ATP M . -12.62 -5.61 17.06
C5' ATP M . -12.05 -4.33 17.34
C4' ATP M . -12.65 -3.26 16.47
O4' ATP M . -12.16 -1.98 16.88
C3' ATP M . -12.32 -3.36 14.98
O3' ATP M . -13.35 -2.78 14.19
C2' ATP M . -10.99 -2.61 14.91
O2' ATP M . -10.74 -2.01 13.63
C1' ATP M . -11.19 -1.51 15.95
N9 ATP M . -9.97 -1.15 16.68
C8 ATP M . -8.95 -1.99 17.07
N7 ATP M . -7.92 -1.37 17.60
C5 ATP M . -8.30 -0.03 17.57
C6 ATP M . -7.64 1.15 17.96
N6 ATP M . -6.41 1.19 18.46
N1 ATP M . -8.30 2.31 17.79
C2 ATP M . -9.52 2.29 17.25
N3 ATP M . -10.23 1.25 16.83
C4 ATP M . -9.56 0.11 17.01
PG DTP N . -4.66 -5.33 15.79
O1G DTP N . -4.85 -4.27 16.80
O2G DTP N . -3.22 -5.45 15.29
O3G DTP N . -5.13 -6.72 16.26
PB DTP N . -7.08 -4.80 14.26
O1B DTP N . -7.39 -3.36 14.20
O2B DTP N . -7.80 -5.64 15.30
O3B DTP N . -5.53 -5.05 14.47
PA DTP N . -8.02 -6.87 12.42
O1A DTP N . -7.71 -7.23 11.03
O2A DTP N . -7.64 -7.92 13.47
O3A DTP N . -7.32 -5.52 12.85
O5' DTP N . -9.58 -6.66 12.65
C5' DTP N . -10.33 -5.44 12.55
C4' DTP N . -11.71 -5.70 11.99
O4' DTP N . -11.63 -5.72 10.55
C3' DTP N . -12.31 -7.04 12.38
O3' DTP N . -13.08 -6.90 13.58
C2' DTP N . -13.21 -7.36 11.20
C1' DTP N . -12.53 -6.68 10.02
N9 DTP N . -11.79 -7.56 9.12
C8 DTP N . -10.58 -8.17 9.33
N7 DTP N . -10.17 -8.90 8.33
C5 DTP N . -11.17 -8.78 7.38
C6 DTP N . -11.34 -9.32 6.09
N6 DTP N . -10.45 -10.12 5.50
N1 DTP N . -12.47 -9.00 5.42
C2 DTP N . -13.36 -8.20 6.01
N3 DTP N . -13.31 -7.63 7.21
C4 DTP N . -12.18 -7.96 7.86
ZN ZN O . 5.80 34.57 23.20
PG ATP P . 20.01 3.01 -8.41
O1G ATP P . 19.18 3.74 -7.41
O2G ATP P . 19.94 1.49 -8.28
O3G ATP P . 21.48 3.42 -8.42
PB ATP P . 19.06 2.33 -11.07
O1B ATP P . 20.14 1.42 -11.47
O2B ATP P . 17.74 1.69 -10.63
O3B ATP P . 19.50 3.30 -9.90
PA ATP P . 17.51 4.40 -12.46
O1A ATP P . 18.00 5.76 -12.76
O2A ATP P . 16.56 4.32 -11.26
O3A ATP P . 18.70 3.38 -12.22
O5' ATP P . 16.70 3.79 -13.70
C5' ATP P . 16.38 2.39 -13.77
C4' ATP P . 15.06 2.18 -14.47
O4' ATP P . 14.85 0.77 -14.65
C3' ATP P . 13.83 2.67 -13.72
O3' ATP P . 12.79 3.02 -14.61
C2' ATP P . 13.50 1.47 -12.82
O2' ATP P . 12.12 1.39 -12.47
C1' ATP P . 13.89 0.30 -13.73
N9 ATP P . 14.44 -0.85 -13.00
C8 ATP P . 15.24 -0.82 -11.90
N7 ATP P . 15.49 -2.01 -11.40
C5 ATP P . 14.80 -2.87 -12.24
C6 ATP P . 14.63 -4.27 -12.23
N6 ATP P . 15.14 -5.08 -11.31
N1 ATP P . 13.88 -4.81 -13.22
C2 ATP P . 13.32 -4.00 -14.13
N3 ATP P . 13.40 -2.68 -14.22
C4 ATP P . 14.16 -2.17 -13.24
PG DTP Q . 16.04 0.25 -6.48
O1G DTP Q . 16.41 -0.89 -7.34
O2G DTP Q . 15.76 -0.15 -5.02
O3G DTP Q . 17.08 1.37 -6.48
PB DTP Q . 14.26 1.58 -8.36
O1B DTP Q . 13.51 0.62 -9.18
O2B DTP Q . 15.53 2.18 -8.96
O3B DTP Q . 14.69 0.95 -6.96
PA DTP Q . 13.59 4.38 -7.84
O1A DTP Q . 12.55 5.05 -7.05
O2A DTP Q . 15.03 4.61 -7.40
O3A DTP Q . 13.36 2.81 -7.88
O5' DTP Q . 13.56 4.87 -9.36
C5' DTP Q . 12.84 4.30 -10.46
C4' DTP Q . 12.37 5.39 -11.41
O4' DTP Q . 11.13 5.94 -10.93
C3' DTP Q . 13.32 6.58 -11.53
O3' DTP Q . 14.25 6.37 -12.60
C2' DTP Q . 12.37 7.73 -11.85
C1' DTP Q . 11.06 7.33 -11.18
N9 DTP Q . 10.74 8.02 -9.93
C8 DTP Q . 11.30 7.83 -8.70
N7 DTP Q . 10.81 8.60 -7.76
C5 DTP Q . 9.85 9.34 -8.42
C6 DTP Q . 8.97 10.35 -7.99
N6 DTP Q . 8.90 10.79 -6.73
N1 DTP Q . 8.15 10.91 -8.91
C2 DTP Q . 8.21 10.47 -10.18
N3 DTP Q . 9.00 9.53 -10.70
C4 DTP Q . 9.80 9.00 -9.77
ZN ZN R . 4.38 -39.18 -14.82
#